data_7LGD
#
_entry.id   7LGD
#
_cell.length_a   64.454
_cell.length_b   107.176
_cell.length_c   174.190
_cell.angle_alpha   90.000
_cell.angle_beta   90.000
_cell.angle_gamma   90.000
#
_symmetry.space_group_name_H-M   'P 21 21 21'
#
loop_
_entity.id
_entity.type
_entity.pdbx_description
1 polymer 'HLA class I histocompatibility antigen, B alpha chain'
2 polymer Beta-2-microglobulin
3 polymer 'SARS-CoV-2 nucleocapsid peptide N105-113'
4 non-polymer 'CHLORIDE ION'
5 non-polymer 'SULFATE ION'
6 non-polymer 'SODIUM ION'
7 water water
#
loop_
_entity_poly.entity_id
_entity_poly.type
_entity_poly.pdbx_seq_one_letter_code
_entity_poly.pdbx_strand_id
1 'polypeptide(L)'
;GSHSMRYFYTSVSRPGRGEPRFISVGYVDDTQFVRFDSDAASPREEPRAPWIEQEGPEYWDRNTQIYKAQAQTDRESLRN
LRGYYNQSEAGSHTLQSMYGCDVGPDGRLLRGHDQYAYDGKDYIALNEDLRSWTAADTAAQITQRKWEAAREAEQRRAYL
EGECVEWLRRYLENGKDKLERADPPKTHVTHHPISDHEATLRCWALGFYPAEITLTWQRDGEDQTQDTELVETRPAGDRT
FQKWAAVVVPSGEEQRYTCHVQHEGLPKPLTLRWEPSS
;
A,C
2 'polypeptide(L)'
;MIQRTPKIQVYSRHPAENGKSNFLNCYVSGFHPSDIEVDLLKNGERIEKVEHSDLSFSKDWSFYLLYYTEFTPTEKDEYA
CRVNHVTLSQPKIVKWDRDM
;
B,D
3 'polypeptide(L)' SPRWYFYYL E,F
#
loop_
_chem_comp.id
_chem_comp.type
_chem_comp.name
_chem_comp.formula
CL non-polymer 'CHLORIDE ION' 'Cl -1'
NA non-polymer 'SODIUM ION' 'Na 1'
SO4 non-polymer 'SULFATE ION' 'O4 S -2'
#
# COMPACT_ATOMS: atom_id res chain seq x y z
N GLY A 1 30.22 19.77 16.04
CA GLY A 1 29.47 20.74 15.28
C GLY A 1 28.00 20.36 15.12
N SER A 2 27.43 20.67 13.96
CA SER A 2 26.05 20.31 13.68
C SER A 2 25.89 18.80 13.53
N HIS A 3 24.79 18.26 14.06
CA HIS A 3 24.45 16.85 13.91
C HIS A 3 22.97 16.73 13.60
N SER A 4 22.58 15.57 13.07
CA SER A 4 21.21 15.34 12.60
C SER A 4 20.83 13.87 12.71
N MET A 5 19.59 13.63 13.12
CA MET A 5 18.99 12.30 13.05
C MET A 5 17.86 12.34 12.03
N ARG A 6 17.87 11.39 11.10
CA ARG A 6 16.86 11.36 10.04
C ARG A 6 16.37 9.95 9.80
N TYR A 7 15.06 9.82 9.60
CA TYR A 7 14.42 8.58 9.21
C TYR A 7 13.89 8.73 7.79
N PHE A 8 14.15 7.73 6.94
CA PHE A 8 13.70 7.73 5.54
C PHE A 8 12.72 6.60 5.30
N TYR A 9 11.46 6.94 5.05
CA TYR A 9 10.40 5.98 4.77
C TYR A 9 10.06 5.98 3.29
N THR A 10 10.04 4.79 2.70
CA THR A 10 9.59 4.58 1.33
C THR A 10 8.52 3.51 1.33
N SER A 11 7.31 3.87 0.88
CA SER A 11 6.21 2.92 0.69
C SER A 11 5.81 2.93 -0.77
N VAL A 12 5.82 1.75 -1.41
CA VAL A 12 5.46 1.64 -2.83
C VAL A 12 4.38 0.56 -3.03
N SER A 13 3.23 0.98 -3.59
CA SER A 13 2.08 0.12 -3.78
C SER A 13 2.27 -0.82 -4.97
N ARG A 14 2.01 -2.11 -4.75
CA ARG A 14 2.13 -3.14 -5.78
C ARG A 14 0.74 -3.66 -6.14
N PRO A 15 0.16 -3.32 -7.30
CA PRO A 15 -1.18 -3.82 -7.64
C PRO A 15 -1.18 -5.27 -8.10
N GLY A 16 -2.12 -6.05 -7.55
CA GLY A 16 -2.21 -7.47 -7.81
C GLY A 16 -1.12 -8.29 -7.13
N ARG A 17 0.13 -7.83 -7.27
CA ARG A 17 1.33 -8.45 -6.69
C ARG A 17 1.45 -8.07 -5.20
N GLY A 18 0.90 -8.92 -4.32
CA GLY A 18 0.98 -8.69 -2.87
C GLY A 18 0.50 -7.32 -2.41
N GLU A 19 0.79 -6.92 -1.13
CA GLU A 19 0.43 -5.55 -0.72
C GLU A 19 1.68 -4.70 -0.53
N PRO A 20 1.57 -3.35 -0.59
CA PRO A 20 2.75 -2.50 -0.78
C PRO A 20 3.93 -2.82 0.10
N ARG A 21 5.11 -2.45 -0.37
CA ARG A 21 6.33 -2.70 0.36
C ARG A 21 6.77 -1.46 1.12
N PHE A 22 7.28 -1.70 2.34
CA PHE A 22 7.69 -0.64 3.25
C PHE A 22 9.15 -0.83 3.60
N ILE A 23 9.91 0.25 3.50
CA ILE A 23 11.31 0.25 3.93
C ILE A 23 11.52 1.44 4.83
N SER A 24 12.19 1.20 5.95
CA SER A 24 12.68 2.23 6.83
C SER A 24 14.19 2.16 6.88
N VAL A 25 14.78 3.32 7.08
CA VAL A 25 16.23 3.42 7.20
C VAL A 25 16.50 4.62 8.10
N GLY A 26 17.44 4.47 9.03
CA GLY A 26 17.70 5.49 10.03
C GLY A 26 19.15 5.96 10.00
N TYR A 27 19.34 7.27 10.09
CA TYR A 27 20.66 7.86 9.94
C TYR A 27 20.98 8.79 11.11
N VAL A 28 22.17 8.64 11.69
CA VAL A 28 22.76 9.68 12.52
C VAL A 28 23.84 10.33 11.70
N ASP A 29 23.69 11.63 11.46
CA ASP A 29 24.44 12.32 10.43
C ASP A 29 24.25 11.53 9.15
N ASP A 30 25.31 10.98 8.56
CA ASP A 30 25.11 10.12 7.40
C ASP A 30 25.83 8.79 7.61
N THR A 31 25.64 8.27 8.83
CA THR A 31 25.86 6.87 9.19
C THR A 31 24.49 6.23 9.38
N GLN A 32 24.23 5.17 8.62
CA GLN A 32 23.02 4.39 8.76
C GLN A 32 23.15 3.50 9.99
N PHE A 33 22.12 3.47 10.84
CA PHE A 33 22.22 2.67 12.05
C PHE A 33 21.08 1.69 12.26
N VAL A 34 19.94 1.84 11.58
CA VAL A 34 18.83 0.89 11.69
C VAL A 34 18.17 0.75 10.33
N ARG A 35 17.39 -0.32 10.17
CA ARG A 35 16.62 -0.54 8.95
C ARG A 35 15.41 -1.41 9.25
N PHE A 36 14.41 -1.31 8.39
CA PHE A 36 13.24 -2.19 8.45
C PHE A 36 12.76 -2.44 7.03
N ASP A 37 12.43 -3.71 6.74
CA ASP A 37 12.09 -4.16 5.40
C ASP A 37 10.88 -5.09 5.50
N SER A 38 9.71 -4.62 5.03
CA SER A 38 8.46 -5.36 5.19
C SER A 38 8.42 -6.60 4.33
N ASP A 39 9.21 -6.64 3.26
CA ASP A 39 9.37 -7.75 2.34
C ASP A 39 10.13 -8.92 2.95
N ALA A 40 10.51 -8.85 4.23
CA ALA A 40 11.31 -9.91 4.81
C ALA A 40 10.43 -10.93 5.49
N ALA A 41 11.04 -12.05 5.90
CA ALA A 41 10.40 -13.08 6.70
C ALA A 41 10.92 -12.93 8.12
N SER A 42 10.01 -12.74 9.08
CA SER A 42 10.30 -12.21 10.41
C SER A 42 10.87 -10.81 10.24
N PRO A 43 10.05 -9.84 9.79
CA PRO A 43 10.56 -8.49 9.55
C PRO A 43 10.82 -7.70 10.83
N ARG A 44 12.08 -7.55 11.21
CA ARG A 44 12.45 -6.83 12.42
C ARG A 44 13.11 -5.51 12.07
N GLU A 45 13.27 -4.67 13.09
CA GLU A 45 14.24 -3.59 12.98
C GLU A 45 15.61 -4.18 13.22
N GLU A 46 16.55 -3.88 12.33
CA GLU A 46 17.86 -4.51 12.44
C GLU A 46 18.96 -3.49 12.64
N PRO A 47 19.99 -3.81 13.42
CA PRO A 47 21.08 -2.85 13.64
C PRO A 47 22.04 -2.78 12.46
N ARG A 48 22.46 -1.57 12.13
CA ARG A 48 23.32 -1.33 10.97
C ARG A 48 24.56 -0.52 11.33
N ALA A 49 24.88 -0.46 12.63
CA ALA A 49 26.01 0.29 13.13
C ALA A 49 26.33 -0.23 14.52
N PRO A 50 27.60 -0.39 14.89
CA PRO A 50 27.91 -1.15 16.13
C PRO A 50 27.46 -0.47 17.42
N TRP A 51 27.41 0.85 17.49
CA TRP A 51 27.04 1.56 18.71
C TRP A 51 25.54 1.52 19.04
N ILE A 52 24.70 0.99 18.15
CA ILE A 52 23.28 0.82 18.45
C ILE A 52 22.99 -0.58 18.99
N GLU A 53 23.91 -1.54 18.81
CA GLU A 53 23.66 -2.90 19.23
C GLU A 53 23.40 -3.02 20.73
N GLN A 54 23.90 -2.09 21.55
CA GLN A 54 23.74 -2.19 22.99
C GLN A 54 22.30 -1.94 23.45
N GLU A 55 21.40 -1.50 22.57
CA GLU A 55 20.03 -1.27 22.98
C GLU A 55 19.35 -2.56 23.43
N GLY A 56 18.49 -2.45 24.46
CA GLY A 56 17.82 -3.60 25.04
C GLY A 56 16.80 -4.24 24.13
N PRO A 57 16.37 -5.47 24.47
CA PRO A 57 15.34 -6.15 23.63
C PRO A 57 14.09 -5.33 23.45
N GLU A 58 13.78 -4.45 24.39
CA GLU A 58 12.56 -3.66 24.33
C GLU A 58 12.67 -2.53 23.29
N TYR A 59 13.88 -2.00 23.08
CA TYR A 59 14.13 -1.10 21.96
C TYR A 59 13.73 -1.75 20.64
N TRP A 60 14.23 -2.96 20.39
CA TRP A 60 14.00 -3.59 19.09
C TRP A 60 12.55 -4.03 18.91
N ASP A 61 11.93 -4.63 19.93
CA ASP A 61 10.52 -5.01 19.82
C ASP A 61 9.64 -3.79 19.58
N ARG A 62 9.86 -2.74 20.35
CA ARG A 62 9.07 -1.54 20.24
C ARG A 62 9.13 -0.97 18.84
N ASN A 63 10.34 -0.83 18.29
CA ASN A 63 10.49 -0.21 16.96
C ASN A 63 9.89 -1.10 15.87
N THR A 64 10.02 -2.41 16.02
CA THR A 64 9.43 -3.32 15.05
C THR A 64 7.93 -3.11 14.97
N GLN A 65 7.28 -2.95 16.11
CA GLN A 65 5.85 -2.68 16.09
C GLN A 65 5.54 -1.29 15.56
N ILE A 66 6.46 -0.31 15.71
CA ILE A 66 6.26 1.00 15.07
C ILE A 66 6.26 0.86 13.56
N TYR A 67 7.28 0.23 12.99
CA TYR A 67 7.33 0.10 11.54
C TYR A 67 6.12 -0.69 11.02
N LYS A 68 5.73 -1.77 11.71
CA LYS A 68 4.54 -2.52 11.32
C LYS A 68 3.30 -1.64 11.31
N ALA A 69 3.16 -0.78 12.31
CA ALA A 69 2.07 0.18 12.32
C ALA A 69 2.24 1.19 11.19
N GLN A 70 3.47 1.72 11.04
CA GLN A 70 3.73 2.72 10.01
C GLN A 70 3.41 2.22 8.62
N ALA A 71 3.78 0.97 8.31
CA ALA A 71 3.46 0.39 7.00
C ALA A 71 1.96 0.43 6.70
N GLN A 72 1.15 -0.09 7.61
CA GLN A 72 -0.28 -0.05 7.47
C GLN A 72 -0.82 1.37 7.35
N THR A 73 -0.19 2.33 8.05
CA THR A 73 -0.63 3.72 7.95
C THR A 73 -0.44 4.26 6.54
N ASP A 74 0.65 3.87 5.88
CA ASP A 74 0.93 4.36 4.54
C ASP A 74 0.08 3.67 3.48
N ARG A 75 -0.29 2.40 3.69
CA ARG A 75 -1.25 1.76 2.78
C ARG A 75 -2.49 2.60 2.58
N GLU A 76 -3.18 2.99 3.66
CA GLU A 76 -4.39 3.77 3.46
C GLU A 76 -4.05 5.19 3.06
N SER A 77 -2.86 5.69 3.40
CA SER A 77 -2.44 6.99 2.87
C SER A 77 -2.29 6.93 1.36
N LEU A 78 -1.78 5.82 0.83
CA LEU A 78 -1.69 5.62 -0.61
C LEU A 78 -3.06 5.66 -1.28
N ARG A 79 -4.07 5.11 -0.60
CA ARG A 79 -5.41 5.09 -1.17
C ARG A 79 -6.01 6.48 -1.19
N ASN A 80 -5.86 7.23 -0.09
CA ASN A 80 -6.40 8.59 -0.02
C ASN A 80 -5.86 9.47 -1.14
N LEU A 81 -4.57 9.37 -1.43
CA LEU A 81 -3.96 10.18 -2.48
C LEU A 81 -4.44 9.74 -3.86
N ARG A 82 -4.58 8.42 -4.04
CA ARG A 82 -5.20 7.91 -5.26
C ARG A 82 -6.55 8.57 -5.50
N GLY A 83 -7.31 8.78 -4.43
CA GLY A 83 -8.61 9.41 -4.57
C GLY A 83 -8.53 10.91 -4.84
N TYR A 84 -7.63 11.60 -4.13
CA TYR A 84 -7.44 13.02 -4.39
C TYR A 84 -7.13 13.29 -5.84
N TYR A 85 -6.34 12.42 -6.46
CA TYR A 85 -5.83 12.62 -7.81
C TYR A 85 -6.58 11.81 -8.86
N ASN A 86 -7.55 10.98 -8.44
CA ASN A 86 -8.43 10.22 -9.34
C ASN A 86 -7.66 9.25 -10.24
N GLN A 87 -6.64 8.60 -9.67
CA GLN A 87 -5.81 7.66 -10.37
C GLN A 87 -6.45 6.28 -10.35
N SER A 88 -5.79 5.30 -10.96
CA SER A 88 -6.40 4.00 -11.22
C SER A 88 -5.67 2.85 -10.50
N GLU A 89 -6.30 1.66 -10.50
CA GLU A 89 -5.62 0.42 -10.15
C GLU A 89 -4.42 0.15 -11.05
N ALA A 90 -4.45 0.73 -12.26
CA ALA A 90 -3.34 0.70 -13.21
C ALA A 90 -2.38 1.81 -12.81
N GLY A 91 -1.38 1.45 -12.00
CA GLY A 91 -0.52 2.46 -11.42
C GLY A 91 0.15 2.00 -10.14
N SER A 92 1.47 2.01 -10.15
CA SER A 92 2.30 1.71 -8.98
C SER A 92 2.75 3.05 -8.43
N HIS A 93 2.13 3.48 -7.35
CA HIS A 93 2.45 4.78 -6.79
C HIS A 93 3.39 4.63 -5.58
N THR A 94 3.98 5.75 -5.17
CA THR A 94 5.03 5.76 -4.16
C THR A 94 4.79 6.87 -3.14
N LEU A 95 4.92 6.53 -1.86
CA LEU A 95 4.90 7.51 -0.78
C LEU A 95 6.28 7.53 -0.12
N GLN A 96 6.88 8.71 -0.07
CA GLN A 96 8.18 8.93 0.54
C GLN A 96 7.99 9.87 1.71
N SER A 97 8.52 9.49 2.84
CA SER A 97 8.40 10.27 4.05
C SER A 97 9.80 10.49 4.62
N MET A 98 10.05 11.66 5.15
CA MET A 98 11.35 11.96 5.74
C MET A 98 11.11 12.88 6.92
N TYR A 99 11.68 12.54 8.07
CA TYR A 99 11.60 13.43 9.22
C TYR A 99 12.91 13.35 9.99
N GLY A 100 13.16 14.35 10.80
CA GLY A 100 14.37 14.37 11.58
C GLY A 100 14.69 15.74 12.11
N CYS A 101 15.65 15.78 13.01
CA CYS A 101 16.03 17.01 13.68
C CYS A 101 17.51 17.27 13.53
N ASP A 102 17.84 18.52 13.24
CA ASP A 102 19.20 19.03 13.11
C ASP A 102 19.55 19.84 14.34
N VAL A 103 20.62 19.45 15.01
CA VAL A 103 21.06 20.11 16.24
C VAL A 103 22.42 20.73 16.01
N GLY A 104 22.66 21.88 16.62
CA GLY A 104 23.97 22.50 16.60
C GLY A 104 24.88 21.94 17.68
N PRO A 105 26.10 22.48 17.82
CA PRO A 105 26.95 22.07 18.96
C PRO A 105 26.30 22.31 20.31
N ASP A 106 25.21 23.10 20.35
CA ASP A 106 24.50 23.38 21.60
C ASP A 106 23.98 22.09 22.24
N GLY A 107 23.21 21.33 21.46
CA GLY A 107 22.11 20.53 21.97
C GLY A 107 20.76 21.15 21.67
N ARG A 108 20.74 22.33 21.05
CA ARG A 108 19.51 23.03 20.69
C ARG A 108 19.13 22.71 19.25
N LEU A 109 17.83 22.60 19.01
CA LEU A 109 17.33 22.30 17.69
C LEU A 109 17.50 23.50 16.77
N LEU A 110 18.00 23.27 15.55
CA LEU A 110 18.06 24.36 14.58
C LEU A 110 17.00 24.25 13.50
N ARG A 111 16.82 23.07 12.91
CA ARG A 111 15.77 22.85 11.93
C ARG A 111 15.21 21.45 12.12
N GLY A 112 13.89 21.35 12.31
CA GLY A 112 13.19 20.07 12.24
C GLY A 112 12.55 19.90 10.87
N HIS A 113 12.42 18.63 10.44
CA HIS A 113 11.88 18.28 9.13
C HIS A 113 10.74 17.28 9.25
N ASP A 114 9.72 17.46 8.40
CA ASP A 114 8.63 16.48 8.27
C ASP A 114 7.97 16.70 6.89
N GLN A 115 8.49 16.01 5.89
CA GLN A 115 8.09 16.23 4.52
C GLN A 115 7.76 14.92 3.84
N TYR A 116 6.83 15.00 2.90
CA TYR A 116 6.35 13.86 2.15
C TYR A 116 6.49 14.16 0.67
N ALA A 117 6.45 13.11 -0.13
CA ALA A 117 6.46 13.25 -1.58
C ALA A 117 5.63 12.15 -2.21
N TYR A 118 4.68 12.53 -3.06
CA TYR A 118 3.88 11.57 -3.80
C TYR A 118 4.44 11.42 -5.21
N ASP A 119 4.80 10.19 -5.58
CA ASP A 119 5.18 9.85 -6.96
C ASP A 119 6.37 10.68 -7.45
N GLY A 120 7.32 10.95 -6.56
CA GLY A 120 8.47 11.79 -6.88
C GLY A 120 8.31 13.27 -6.58
N LYS A 121 7.14 13.84 -6.88
CA LYS A 121 6.89 15.25 -6.60
C LYS A 121 6.63 15.47 -5.11
N ASP A 122 7.01 16.65 -4.64
CA ASP A 122 6.69 17.07 -3.27
C ASP A 122 5.19 17.19 -3.08
N TYR A 123 4.67 16.52 -2.05
CA TYR A 123 3.26 16.66 -1.70
C TYR A 123 3.09 17.69 -0.60
N ILE A 124 3.48 17.34 0.62
CA ILE A 124 3.35 18.26 1.74
C ILE A 124 4.63 18.22 2.57
N ALA A 125 4.89 19.32 3.27
CA ALA A 125 6.07 19.44 4.12
C ALA A 125 5.75 20.43 5.22
N LEU A 126 6.46 20.31 6.34
CA LEU A 126 6.22 21.12 7.52
C LEU A 126 7.18 22.31 7.51
N ASN A 127 6.63 23.50 7.68
CA ASN A 127 7.41 24.72 7.64
C ASN A 127 8.35 24.81 8.83
N GLU A 128 9.44 25.56 8.67
CA GLU A 128 10.48 25.59 9.69
C GLU A 128 9.97 26.08 11.04
N ASP A 129 8.85 26.81 11.09
CA ASP A 129 8.33 27.20 12.39
C ASP A 129 7.65 26.04 13.11
N LEU A 130 7.51 24.89 12.45
CA LEU A 130 6.95 23.65 13.00
C LEU A 130 5.48 23.77 13.39
N ARG A 131 4.82 24.87 13.03
CA ARG A 131 3.39 25.03 13.24
C ARG A 131 2.59 24.96 11.94
N SER A 132 3.23 25.26 10.81
CA SER A 132 2.61 25.48 9.52
C SER A 132 2.85 24.29 8.63
N TRP A 133 2.07 24.18 7.55
CA TRP A 133 2.34 23.25 6.48
C TRP A 133 2.40 24.02 5.17
N THR A 134 3.05 23.43 4.17
CA THR A 134 3.05 24.01 2.83
C THR A 134 2.67 22.95 1.82
N ALA A 135 1.50 23.15 1.20
CA ALA A 135 0.88 22.22 0.28
C ALA A 135 1.24 22.56 -1.16
N ALA A 136 1.53 21.53 -1.96
CA ALA A 136 1.97 21.78 -3.33
C ALA A 136 0.81 21.99 -4.31
N ASP A 137 -0.35 21.36 -4.11
CA ASP A 137 -1.49 21.57 -5.00
C ASP A 137 -2.77 21.54 -4.17
N THR A 138 -3.92 21.37 -4.85
CA THR A 138 -5.21 21.37 -4.19
C THR A 138 -5.44 20.08 -3.40
N ALA A 139 -4.80 18.97 -3.80
CA ALA A 139 -4.91 17.72 -3.06
C ALA A 139 -4.33 17.87 -1.66
N ALA A 140 -3.05 18.29 -1.58
CA ALA A 140 -2.37 18.46 -0.30
C ALA A 140 -3.08 19.46 0.62
N GLN A 141 -3.99 20.29 0.07
CA GLN A 141 -4.72 21.23 0.92
C GLN A 141 -5.78 20.52 1.75
N ILE A 142 -6.29 19.39 1.27
CA ILE A 142 -7.19 18.55 2.06
C ILE A 142 -6.41 17.83 3.16
N THR A 143 -5.22 17.35 2.82
CA THR A 143 -4.31 16.86 3.84
C THR A 143 -3.95 17.97 4.82
N GLN A 144 -3.60 19.14 4.30
CA GLN A 144 -3.29 20.27 5.19
C GLN A 144 -4.42 20.58 6.17
N ARG A 145 -5.68 20.39 5.76
CA ARG A 145 -6.78 20.65 6.70
C ARG A 145 -7.07 19.42 7.55
N LYS A 146 -6.95 18.21 6.98
CA LYS A 146 -6.87 17.00 7.79
C LYS A 146 -5.85 17.12 8.92
N TRP A 147 -4.77 17.85 8.69
CA TRP A 147 -3.65 17.88 9.61
C TRP A 147 -3.63 19.16 10.43
N GLU A 148 -4.61 20.04 10.25
CA GLU A 148 -5.08 20.92 11.31
C GLU A 148 -6.44 20.47 11.83
N ALA A 149 -6.92 19.30 11.37
CA ALA A 149 -8.21 18.78 11.81
C ALA A 149 -8.13 18.14 13.19
N ALA A 150 -7.10 17.31 13.44
CA ALA A 150 -6.83 16.69 14.75
C ALA A 150 -5.70 17.38 15.52
N ARG A 151 -5.27 18.57 15.08
CA ARG A 151 -4.24 19.35 15.75
C ARG A 151 -2.94 18.55 15.86
N GLU A 152 -2.34 18.34 14.69
CA GLU A 152 -1.37 17.25 14.56
C GLU A 152 0.07 17.72 14.77
N ALA A 153 0.51 18.73 14.00
CA ALA A 153 1.86 19.28 14.13
C ALA A 153 2.23 19.57 15.58
N GLU A 154 1.25 19.61 16.49
CA GLU A 154 1.57 19.69 17.91
C GLU A 154 2.30 18.45 18.39
N GLN A 155 1.76 17.27 18.10
CA GLN A 155 2.48 16.05 18.41
C GLN A 155 3.74 15.89 17.54
N ARG A 156 3.78 16.52 16.36
CA ARG A 156 4.96 16.38 15.50
C ARG A 156 6.06 17.35 15.88
N ARG A 157 5.72 18.58 16.24
CA ARG A 157 6.72 19.49 16.77
C ARG A 157 7.26 18.96 18.09
N ALA A 158 6.38 18.36 18.91
CA ALA A 158 6.82 17.88 20.22
C ALA A 158 7.82 16.76 20.08
N TYR A 159 7.72 15.96 19.02
CA TYR A 159 8.73 14.94 18.79
C TYR A 159 10.02 15.56 18.28
N LEU A 160 9.90 16.50 17.34
CA LEU A 160 11.07 17.12 16.74
C LEU A 160 11.81 17.98 17.75
N GLU A 161 11.06 18.80 18.51
CA GLU A 161 11.70 19.65 19.52
C GLU A 161 12.15 18.82 20.71
N GLY A 162 11.45 17.73 20.99
CA GLY A 162 11.64 16.96 22.21
C GLY A 162 12.50 15.74 22.00
N GLU A 163 11.88 14.57 21.92
CA GLU A 163 12.67 13.36 22.02
C GLU A 163 13.61 13.15 20.83
N CYS A 164 13.35 13.77 19.68
CA CYS A 164 14.25 13.57 18.53
C CYS A 164 15.67 14.05 18.85
N VAL A 165 15.81 15.22 19.46
CA VAL A 165 17.15 15.74 19.77
C VAL A 165 17.79 14.91 20.88
N GLU A 166 17.00 14.44 21.84
CA GLU A 166 17.55 13.61 22.91
C GLU A 166 18.03 12.28 22.36
N TRP A 167 17.28 11.68 21.43
CA TRP A 167 17.72 10.43 20.82
C TRP A 167 19.03 10.63 20.07
N LEU A 168 19.15 11.74 19.36
CA LEU A 168 20.42 12.09 18.73
C LEU A 168 21.53 12.17 19.77
N ARG A 169 21.27 12.87 20.88
CA ARG A 169 22.29 13.02 21.91
C ARG A 169 22.68 11.67 22.50
N ARG A 170 21.70 10.81 22.76
CA ARG A 170 21.97 9.47 23.28
C ARG A 170 22.84 8.67 22.32
N TYR A 171 22.54 8.73 21.02
CA TYR A 171 23.33 7.99 20.03
C TYR A 171 24.69 8.61 19.81
N LEU A 172 24.83 9.93 20.02
CA LEU A 172 26.14 10.55 19.87
C LEU A 172 27.08 10.12 20.99
N GLU A 173 26.63 10.21 22.24
CA GLU A 173 27.50 9.82 23.34
C GLU A 173 27.72 8.31 23.39
N ASN A 174 26.88 7.50 22.76
CA ASN A 174 27.14 6.07 22.73
C ASN A 174 28.08 5.69 21.60
N GLY A 175 28.06 6.44 20.50
CA GLY A 175 28.95 6.18 19.38
C GLY A 175 30.30 6.84 19.49
N LYS A 176 30.47 7.68 20.50
CA LYS A 176 31.75 8.25 20.92
C LYS A 176 32.42 8.93 19.73
N ASP A 177 33.74 8.92 19.66
N ASP A 177 33.75 8.89 19.76
CA ASP A 177 34.40 9.70 18.61
CA ASP A 177 34.59 9.50 18.74
C ASP A 177 34.26 9.06 17.24
C ASP A 177 34.23 9.03 17.34
N LYS A 178 34.13 7.73 17.16
CA LYS A 178 33.90 7.13 15.84
C LYS A 178 32.67 7.70 15.14
N LEU A 179 31.78 8.37 15.86
CA LEU A 179 30.67 9.01 15.17
C LEU A 179 30.67 10.53 15.31
N GLU A 180 31.18 11.09 16.41
CA GLU A 180 31.23 12.55 16.57
CA GLU A 180 31.23 12.55 16.57
C GLU A 180 32.43 13.17 15.86
N ARG A 181 33.57 12.48 15.84
CA ARG A 181 34.76 13.06 15.19
C ARG A 181 34.68 12.87 13.67
N ALA A 182 35.08 13.92 12.94
CA ALA A 182 35.12 13.89 11.48
C ALA A 182 36.46 13.35 10.99
N ASP A 183 36.40 12.35 10.11
CA ASP A 183 37.61 11.71 9.60
C ASP A 183 38.09 12.42 8.34
N PRO A 184 39.33 12.88 8.28
CA PRO A 184 39.77 13.76 7.18
C PRO A 184 40.17 12.99 5.94
N PRO A 185 40.16 13.62 4.77
CA PRO A 185 40.46 12.90 3.53
C PRO A 185 41.96 12.70 3.32
N LYS A 186 42.29 11.56 2.74
CA LYS A 186 43.65 11.28 2.29
C LYS A 186 43.72 11.70 0.83
N THR A 187 44.45 12.78 0.55
CA THR A 187 44.45 13.44 -0.74
C THR A 187 45.78 13.30 -1.47
N HIS A 188 45.72 13.04 -2.77
CA HIS A 188 46.90 13.00 -3.64
C HIS A 188 46.45 13.32 -5.06
N VAL A 189 47.39 13.70 -5.92
CA VAL A 189 47.12 14.09 -7.31
C VAL A 189 47.80 13.12 -8.27
N THR A 190 47.05 12.62 -9.25
CA THR A 190 47.60 11.73 -10.26
C THR A 190 47.64 12.43 -11.61
N HIS A 191 48.62 12.02 -12.42
CA HIS A 191 48.93 12.65 -13.70
C HIS A 191 48.87 11.59 -14.80
N HIS A 192 47.96 11.77 -15.73
CA HIS A 192 47.83 10.89 -16.90
C HIS A 192 48.07 11.71 -18.16
N PRO A 193 49.15 11.49 -18.89
CA PRO A 193 49.27 12.15 -20.19
C PRO A 193 48.19 11.61 -21.12
N ILE A 194 47.44 12.51 -21.75
CA ILE A 194 46.49 12.08 -22.76
C ILE A 194 47.05 12.16 -24.17
N SER A 195 48.08 12.95 -24.39
CA SER A 195 48.61 13.10 -25.75
C SER A 195 49.94 13.84 -25.70
N ASP A 196 50.41 14.25 -26.88
CA ASP A 196 51.54 15.17 -27.00
C ASP A 196 51.17 16.54 -26.46
N HIS A 197 49.97 16.99 -26.82
CA HIS A 197 49.48 18.32 -26.53
C HIS A 197 49.12 18.49 -25.04
N GLU A 198 48.60 17.43 -24.41
CA GLU A 198 47.79 17.58 -23.18
C GLU A 198 48.01 16.44 -22.19
N ALA A 199 47.37 16.58 -21.03
CA ALA A 199 47.42 15.63 -19.92
C ALA A 199 46.32 15.99 -18.92
N THR A 200 45.94 15.02 -18.09
CA THR A 200 44.96 15.24 -17.03
C THR A 200 45.63 15.21 -15.66
N LEU A 201 45.17 16.07 -14.77
CA LEU A 201 45.51 15.98 -13.36
C LEU A 201 44.23 15.63 -12.61
N ARG A 202 44.30 14.65 -11.72
CA ARG A 202 43.13 14.24 -10.95
C ARG A 202 43.42 14.38 -9.47
N CYS A 203 42.64 15.23 -8.83
CA CYS A 203 42.71 15.43 -7.39
C CYS A 203 41.80 14.42 -6.71
N TRP A 204 42.39 13.47 -5.99
CA TRP A 204 41.67 12.43 -5.26
C TRP A 204 41.51 12.81 -3.80
N ALA A 205 40.27 12.71 -3.29
CA ALA A 205 40.03 12.69 -1.86
C ALA A 205 39.37 11.36 -1.47
N LEU A 206 39.94 10.65 -0.49
CA LEU A 206 39.47 9.34 -0.08
C LEU A 206 39.47 9.19 1.44
N GLY A 207 38.54 8.37 1.93
CA GLY A 207 38.50 8.03 3.33
C GLY A 207 37.80 9.03 4.23
N PHE A 208 37.10 10.03 3.69
CA PHE A 208 36.56 11.08 4.54
C PHE A 208 35.15 10.78 5.00
N TYR A 209 34.79 11.36 6.15
CA TYR A 209 33.51 11.31 6.78
C TYR A 209 33.41 12.58 7.61
N PRO A 210 32.33 13.35 7.51
CA PRO A 210 31.15 13.10 6.69
C PRO A 210 31.39 13.36 5.20
N ALA A 211 30.34 13.23 4.40
CA ALA A 211 30.51 13.24 2.97
C ALA A 211 30.65 14.65 2.41
N GLU A 212 30.31 15.67 3.19
CA GLU A 212 30.36 17.05 2.67
C GLU A 212 31.82 17.44 2.46
N ILE A 213 32.19 17.61 1.19
CA ILE A 213 33.54 17.98 0.81
C ILE A 213 33.39 18.98 -0.32
N THR A 214 34.42 19.77 -0.52
CA THR A 214 34.49 20.70 -1.64
C THR A 214 35.86 20.51 -2.27
N LEU A 215 35.92 20.27 -3.59
CA LEU A 215 37.18 20.13 -4.32
C LEU A 215 37.23 21.11 -5.48
N THR A 216 38.25 21.97 -5.48
CA THR A 216 38.36 23.03 -6.47
C THR A 216 39.71 22.97 -7.17
N TRP A 217 39.71 23.28 -8.47
CA TRP A 217 40.95 23.46 -9.22
C TRP A 217 41.17 24.93 -9.50
N GLN A 218 42.40 25.39 -9.31
CA GLN A 218 42.79 26.77 -9.59
C GLN A 218 43.93 26.77 -10.59
N ARG A 219 44.10 27.90 -11.26
CA ARG A 219 45.26 28.15 -12.11
C ARG A 219 45.84 29.50 -11.77
N ASP A 220 47.16 29.55 -11.62
CA ASP A 220 47.88 30.74 -11.17
C ASP A 220 47.21 31.37 -9.96
N GLY A 221 46.77 30.51 -9.04
CA GLY A 221 46.08 30.94 -7.83
C GLY A 221 44.75 31.60 -8.03
N GLU A 222 44.21 31.63 -9.24
CA GLU A 222 42.87 32.15 -9.47
C GLU A 222 42.01 31.04 -10.07
N ASP A 223 40.68 31.22 -9.97
CA ASP A 223 39.73 30.13 -10.19
C ASP A 223 39.66 29.72 -11.67
N GLN A 224 39.22 28.48 -11.88
CA GLN A 224 39.18 27.85 -13.20
C GLN A 224 38.14 26.73 -13.15
N THR A 225 37.01 26.91 -13.85
CA THR A 225 35.92 25.95 -13.79
C THR A 225 35.62 25.26 -15.12
N GLN A 226 35.92 25.87 -16.27
CA GLN A 226 35.42 25.38 -17.55
C GLN A 226 36.21 24.18 -18.12
N ASP A 227 37.14 23.61 -17.35
CA ASP A 227 37.71 22.32 -17.68
C ASP A 227 37.55 21.30 -16.56
N THR A 228 36.97 21.70 -15.43
CA THR A 228 36.78 20.77 -14.32
C THR A 228 35.79 19.66 -14.70
N GLU A 229 36.10 18.45 -14.28
CA GLU A 229 35.18 17.32 -14.40
C GLU A 229 35.11 16.66 -13.02
N LEU A 230 34.06 16.98 -12.26
CA LEU A 230 33.84 16.48 -10.92
C LEU A 230 33.00 15.21 -10.97
N VAL A 231 33.20 14.29 -10.02
CA VAL A 231 32.31 13.14 -9.85
C VAL A 231 31.50 13.29 -8.57
N GLU A 232 30.29 12.73 -8.59
CA GLU A 232 29.42 12.82 -7.42
C GLU A 232 30.01 12.01 -6.28
N THR A 233 29.88 12.52 -5.05
CA THR A 233 30.49 11.87 -3.90
C THR A 233 29.91 10.47 -3.70
N ARG A 234 30.78 9.49 -3.66
CA ARG A 234 30.32 8.12 -3.67
C ARG A 234 30.72 7.40 -2.39
N PRO A 235 29.87 6.49 -1.93
CA PRO A 235 30.20 5.73 -0.71
C PRO A 235 31.33 4.76 -0.98
N ALA A 236 32.28 4.73 -0.06
CA ALA A 236 33.37 3.78 -0.23
C ALA A 236 32.94 2.36 0.10
N GLY A 237 31.89 2.19 0.92
CA GLY A 237 31.46 0.90 1.40
C GLY A 237 31.81 0.62 2.86
N ASP A 238 32.81 1.29 3.40
CA ASP A 238 33.24 1.15 4.78
C ASP A 238 32.94 2.41 5.59
N ARG A 239 31.81 3.06 5.30
CA ARG A 239 31.31 4.23 6.02
C ARG A 239 32.15 5.48 5.79
N THR A 240 33.12 5.44 4.87
CA THR A 240 33.83 6.62 4.40
C THR A 240 33.40 6.93 2.97
N PHE A 241 33.87 8.06 2.42
CA PHE A 241 33.40 8.51 1.12
C PHE A 241 34.57 8.81 0.18
N GLN A 242 34.24 9.08 -1.08
CA GLN A 242 35.25 9.27 -2.12
C GLN A 242 34.80 10.35 -3.09
N LYS A 243 35.77 11.05 -3.67
CA LYS A 243 35.49 12.04 -4.68
C LYS A 243 36.78 12.31 -5.45
N TRP A 244 36.64 12.79 -6.68
CA TRP A 244 37.79 13.33 -7.37
C TRP A 244 37.35 14.46 -8.29
N ALA A 245 38.30 15.35 -8.58
CA ALA A 245 38.15 16.43 -9.54
C ALA A 245 39.30 16.34 -10.53
N ALA A 246 39.04 16.69 -11.78
CA ALA A 246 40.03 16.52 -12.83
C ALA A 246 40.10 17.77 -13.69
N VAL A 247 41.29 18.03 -14.22
CA VAL A 247 41.51 19.09 -15.20
C VAL A 247 42.46 18.59 -16.27
N VAL A 248 42.24 19.06 -17.49
CA VAL A 248 43.11 18.80 -18.61
C VAL A 248 43.99 20.03 -18.77
N VAL A 249 45.30 19.81 -18.83
CA VAL A 249 46.26 20.91 -18.73
C VAL A 249 47.27 20.76 -19.87
N PRO A 250 47.79 21.87 -20.41
CA PRO A 250 48.84 21.78 -21.43
C PRO A 250 50.10 21.15 -20.85
N SER A 251 50.67 20.18 -21.59
CA SER A 251 51.79 19.41 -21.06
C SER A 251 52.99 20.32 -20.86
N GLY A 252 53.42 20.44 -19.60
CA GLY A 252 54.46 21.37 -19.20
C GLY A 252 53.96 22.47 -18.29
N GLU A 253 52.66 22.72 -18.24
CA GLU A 253 52.09 23.72 -17.35
C GLU A 253 51.38 23.12 -16.15
N GLU A 254 51.72 21.88 -15.78
CA GLU A 254 50.98 21.21 -14.71
C GLU A 254 51.13 21.95 -13.40
N GLN A 255 52.37 22.30 -13.05
CA GLN A 255 52.76 23.06 -11.87
C GLN A 255 52.03 24.38 -11.64
N ARG A 256 51.27 24.88 -12.61
CA ARG A 256 50.50 26.11 -12.48
C ARG A 256 49.13 25.88 -11.88
N TYR A 257 48.78 24.64 -11.56
CA TYR A 257 47.43 24.24 -11.20
C TYR A 257 47.44 23.72 -9.77
N THR A 258 46.53 24.22 -8.95
CA THR A 258 46.46 23.79 -7.57
C THR A 258 45.06 23.30 -7.27
N CYS A 259 44.98 22.16 -6.59
CA CYS A 259 43.72 21.63 -6.13
C CYS A 259 43.49 22.03 -4.68
N HIS A 260 42.23 22.31 -4.33
CA HIS A 260 41.90 22.88 -3.03
C HIS A 260 40.77 22.07 -2.40
N VAL A 261 41.05 21.52 -1.22
CA VAL A 261 40.19 20.59 -0.50
C VAL A 261 39.69 21.24 0.78
N GLN A 262 38.38 21.39 0.88
CA GLN A 262 37.73 21.76 2.13
C GLN A 262 36.99 20.55 2.70
N HIS A 263 37.25 20.24 3.95
CA HIS A 263 36.53 19.19 4.67
C HIS A 263 36.59 19.54 6.13
N GLU A 264 35.50 19.23 6.86
CA GLU A 264 35.43 19.58 8.27
C GLU A 264 36.51 18.87 9.10
N GLY A 265 36.89 17.66 8.69
CA GLY A 265 37.95 16.96 9.38
C GLY A 265 39.34 17.50 9.14
N LEU A 266 39.49 18.54 8.34
CA LEU A 266 40.79 19.17 8.14
C LEU A 266 40.93 20.39 9.04
N PRO A 267 42.09 20.56 9.69
CA PRO A 267 42.27 21.77 10.51
C PRO A 267 42.29 23.06 9.68
N LYS A 268 42.92 23.03 8.50
CA LYS A 268 42.91 24.12 7.55
C LYS A 268 42.74 23.53 6.16
N PRO A 269 42.11 24.27 5.24
CA PRO A 269 41.93 23.74 3.87
C PRO A 269 43.27 23.34 3.26
N LEU A 270 43.23 22.30 2.42
CA LEU A 270 44.43 21.82 1.74
C LEU A 270 44.56 22.45 0.36
N THR A 271 45.80 22.54 -0.09
CA THR A 271 46.14 22.88 -1.48
C THR A 271 47.17 21.88 -1.93
N LEU A 272 46.97 21.29 -3.09
CA LEU A 272 47.89 20.28 -3.60
C LEU A 272 48.38 20.70 -4.96
N ARG A 273 49.67 20.53 -5.21
CA ARG A 273 50.29 20.93 -6.48
C ARG A 273 51.12 19.76 -6.98
N TRP A 274 50.77 19.21 -8.12
CA TRP A 274 51.51 18.07 -8.64
C TRP A 274 52.89 18.50 -9.08
N GLU A 275 53.92 17.79 -8.62
CA GLU A 275 55.33 18.10 -8.90
C GLU A 275 55.97 16.96 -9.68
N PRO A 276 56.58 17.25 -10.84
CA PRO A 276 57.13 16.24 -11.75
C PRO A 276 58.23 15.39 -11.12
N MET B 1 3.77 12.17 -13.82
CA MET B 1 4.61 11.87 -12.67
C MET B 1 6.10 12.04 -13.00
N ILE B 2 6.90 12.33 -11.98
CA ILE B 2 8.34 12.53 -12.16
C ILE B 2 9.02 11.17 -12.28
N GLN B 3 9.80 10.99 -13.35
CA GLN B 3 10.65 9.82 -13.55
C GLN B 3 12.08 10.27 -13.80
N ARG B 4 13.04 9.57 -13.19
CA ARG B 4 14.42 10.04 -13.19
C ARG B 4 15.39 8.93 -13.59
N THR B 5 16.41 9.32 -14.35
CA THR B 5 17.40 8.40 -14.93
C THR B 5 18.51 8.14 -13.91
N PRO B 6 18.95 6.88 -13.75
CA PRO B 6 19.98 6.58 -12.76
C PRO B 6 21.35 7.17 -13.09
N LYS B 7 22.27 7.05 -12.12
CA LYS B 7 23.65 7.52 -12.23
C LYS B 7 24.57 6.39 -11.77
N ILE B 8 25.25 5.74 -12.72
CA ILE B 8 26.09 4.58 -12.45
C ILE B 8 27.53 5.02 -12.23
N GLN B 9 28.25 4.24 -11.42
CA GLN B 9 29.63 4.53 -11.02
C GLN B 9 30.25 3.23 -10.51
N VAL B 10 31.27 2.74 -11.18
CA VAL B 10 32.00 1.55 -10.75
C VAL B 10 33.34 1.99 -10.19
N TYR B 11 33.73 1.38 -9.08
CA TYR B 11 35.00 1.68 -8.44
C TYR B 11 35.34 0.57 -7.47
N SER B 12 36.46 0.75 -6.79
CA SER B 12 36.94 -0.14 -5.75
C SER B 12 36.86 0.58 -4.41
N ARG B 13 36.93 -0.18 -3.31
CA ARG B 13 36.95 0.45 -1.99
C ARG B 13 38.29 1.10 -1.73
N HIS B 14 39.36 0.30 -1.75
CA HIS B 14 40.72 0.81 -1.58
C HIS B 14 41.36 0.99 -2.96
N PRO B 15 42.60 1.48 -3.05
CA PRO B 15 43.22 1.64 -4.38
C PRO B 15 43.63 0.29 -4.97
N ALA B 16 43.25 0.08 -6.24
CA ALA B 16 43.39 -1.19 -6.92
C ALA B 16 44.84 -1.66 -7.03
N GLU B 17 45.23 -2.60 -6.16
CA GLU B 17 46.52 -3.27 -6.22
C GLU B 17 46.28 -4.73 -6.60
N ASN B 18 46.84 -5.16 -7.73
CA ASN B 18 46.50 -6.46 -8.31
C ASN B 18 46.92 -7.60 -7.39
N GLY B 19 46.07 -8.63 -7.33
CA GLY B 19 46.26 -9.78 -6.46
C GLY B 19 45.79 -9.58 -5.03
N LYS B 20 45.92 -8.37 -4.51
CA LYS B 20 45.44 -8.05 -3.17
C LYS B 20 43.92 -7.87 -3.18
N SER B 21 43.28 -8.23 -2.08
CA SER B 21 41.83 -8.30 -2.02
C SER B 21 41.21 -6.93 -1.76
N ASN B 22 40.00 -6.74 -2.25
CA ASN B 22 39.31 -5.44 -2.22
C ASN B 22 37.81 -5.71 -2.42
N PHE B 23 37.06 -4.67 -2.79
CA PHE B 23 35.61 -4.72 -2.99
C PHE B 23 35.24 -3.92 -4.22
N LEU B 24 34.41 -4.47 -5.08
CA LEU B 24 33.94 -3.72 -6.24
C LEU B 24 32.64 -3.01 -5.87
N ASN B 25 32.44 -1.81 -6.39
CA ASN B 25 31.27 -1.03 -6.04
C ASN B 25 30.54 -0.63 -7.30
N CYS B 26 29.21 -0.54 -7.21
CA CYS B 26 28.41 0.12 -8.23
C CYS B 26 27.34 0.95 -7.53
N TYR B 27 27.56 2.26 -7.48
CA TYR B 27 26.71 3.18 -6.74
C TYR B 27 25.76 3.80 -7.76
N VAL B 28 24.47 3.51 -7.62
CA VAL B 28 23.46 4.01 -8.56
C VAL B 28 22.55 4.96 -7.81
N SER B 29 22.17 6.08 -8.44
CA SER B 29 21.49 7.16 -7.71
C SER B 29 20.73 8.07 -8.68
N GLY B 30 20.02 9.04 -8.09
CA GLY B 30 19.34 10.08 -8.85
C GLY B 30 18.13 9.65 -9.63
N PHE B 31 17.53 8.51 -9.29
CA PHE B 31 16.48 7.89 -10.09
C PHE B 31 15.15 7.81 -9.34
N HIS B 32 14.09 7.47 -10.10
CA HIS B 32 12.70 7.36 -9.68
C HIS B 32 11.92 6.68 -10.80
N PRO B 33 11.14 5.61 -10.52
CA PRO B 33 10.87 5.06 -9.19
C PRO B 33 11.96 4.14 -8.63
N SER B 34 11.58 3.41 -7.56
CA SER B 34 12.48 2.62 -6.73
C SER B 34 12.98 1.36 -7.40
N ASP B 35 12.30 0.91 -8.43
CA ASP B 35 12.58 -0.39 -8.98
C ASP B 35 13.80 -0.30 -9.88
N ILE B 36 14.78 -1.17 -9.66
CA ILE B 36 16.02 -1.10 -10.41
C ILE B 36 16.65 -2.48 -10.39
N GLU B 37 17.20 -2.87 -11.55
CA GLU B 37 17.88 -4.16 -11.75
C GLU B 37 19.35 -3.85 -11.98
N VAL B 38 20.20 -4.28 -11.05
CA VAL B 38 21.62 -3.90 -11.06
C VAL B 38 22.46 -5.14 -10.82
N ASP B 39 23.15 -5.60 -11.86
CA ASP B 39 24.04 -6.74 -11.76
C ASP B 39 25.47 -6.25 -11.91
N LEU B 40 26.35 -6.74 -11.04
CA LEU B 40 27.78 -6.60 -11.25
C LEU B 40 28.26 -7.80 -12.07
N LEU B 41 29.06 -7.55 -13.11
CA LEU B 41 29.50 -8.58 -14.04
C LEU B 41 31.03 -8.68 -14.12
N LYS B 42 31.53 -9.91 -14.17
CA LYS B 42 32.95 -10.21 -14.38
C LYS B 42 33.13 -10.89 -15.73
N ASN B 43 33.80 -10.19 -16.67
CA ASN B 43 34.10 -10.72 -18.00
C ASN B 43 32.82 -10.98 -18.80
N GLY B 44 31.84 -10.08 -18.68
CA GLY B 44 30.56 -10.23 -19.32
C GLY B 44 29.54 -11.06 -18.57
N GLU B 45 29.99 -11.91 -17.63
CA GLU B 45 29.13 -12.81 -16.88
C GLU B 45 28.78 -12.21 -15.52
N ARG B 46 27.54 -12.45 -15.06
CA ARG B 46 27.08 -11.89 -13.80
C ARG B 46 27.79 -12.50 -12.61
N ILE B 47 28.23 -11.65 -11.69
CA ILE B 47 28.71 -12.09 -10.38
C ILE B 47 27.50 -12.35 -9.49
N GLU B 48 27.34 -13.60 -9.07
CA GLU B 48 26.31 -13.95 -8.10
C GLU B 48 26.89 -13.79 -6.70
N LYS B 49 25.99 -13.60 -5.72
CA LYS B 49 26.28 -13.31 -4.31
C LYS B 49 26.43 -11.81 -4.04
N VAL B 50 25.87 -10.96 -4.90
CA VAL B 50 26.11 -9.52 -4.81
C VAL B 50 25.19 -8.89 -3.77
N GLU B 51 25.80 -8.20 -2.80
CA GLU B 51 25.08 -7.50 -1.74
C GLU B 51 24.66 -6.11 -2.21
N HIS B 52 23.89 -5.42 -1.37
CA HIS B 52 23.55 -4.03 -1.63
C HIS B 52 23.09 -3.34 -0.36
N SER B 53 23.16 -2.01 -0.36
CA SER B 53 22.72 -1.20 0.76
C SER B 53 21.19 -1.19 0.84
N ASP B 54 20.66 -0.52 1.85
CA ASP B 54 19.21 -0.49 2.03
C ASP B 54 18.66 0.74 1.35
N LEU B 55 17.68 0.55 0.47
CA LEU B 55 17.23 1.63 -0.40
C LEU B 55 17.01 2.90 0.41
N SER B 56 17.52 4.01 -0.11
CA SER B 56 17.53 5.28 0.61
C SER B 56 17.39 6.39 -0.41
N PHE B 57 17.10 7.60 0.04
CA PHE B 57 16.89 8.68 -0.92
C PHE B 57 17.47 10.02 -0.45
N SER B 58 17.71 10.90 -1.44
CA SER B 58 18.30 12.21 -1.28
C SER B 58 17.22 13.27 -1.17
N LYS B 59 17.62 14.51 -0.88
CA LYS B 59 16.66 15.55 -0.49
C LYS B 59 15.74 15.99 -1.63
N ASP B 60 16.10 15.70 -2.89
CA ASP B 60 15.18 15.85 -4.01
C ASP B 60 14.35 14.59 -4.26
N TRP B 61 14.35 13.67 -3.29
CA TRP B 61 13.64 12.38 -3.24
C TRP B 61 14.23 11.34 -4.18
N SER B 62 15.24 11.69 -4.97
CA SER B 62 15.97 10.71 -5.76
C SER B 62 16.40 9.53 -4.89
N PHE B 63 16.23 8.31 -5.40
CA PHE B 63 16.67 7.12 -4.71
C PHE B 63 18.13 6.81 -5.03
N TYR B 64 18.78 6.04 -4.16
CA TYR B 64 20.18 5.71 -4.31
C TYR B 64 20.51 4.42 -3.56
N LEU B 65 21.48 3.69 -4.09
CA LEU B 65 21.83 2.35 -3.61
C LEU B 65 23.28 2.06 -3.95
N LEU B 66 23.89 1.12 -3.23
CA LEU B 66 25.27 0.71 -3.46
C LEU B 66 25.36 -0.81 -3.52
N TYR B 67 25.43 -1.37 -4.72
CA TYR B 67 25.66 -2.80 -4.93
C TYR B 67 27.16 -3.07 -4.95
N TYR B 68 27.59 -4.10 -4.21
CA TYR B 68 29.02 -4.29 -4.01
C TYR B 68 29.33 -5.76 -3.81
N THR B 69 30.61 -6.10 -3.93
CA THR B 69 31.06 -7.47 -3.73
C THR B 69 32.56 -7.50 -3.44
N GLU B 70 32.96 -8.42 -2.58
CA GLU B 70 34.37 -8.73 -2.43
C GLU B 70 34.90 -9.25 -3.76
N PHE B 71 36.11 -8.82 -4.13
CA PHE B 71 36.73 -9.28 -5.38
C PHE B 71 38.25 -9.11 -5.30
N THR B 72 38.92 -9.37 -6.41
CA THR B 72 40.37 -9.22 -6.54
C THR B 72 40.68 -8.82 -7.98
N PRO B 73 41.37 -7.68 -8.17
CA PRO B 73 41.68 -7.23 -9.53
C PRO B 73 42.92 -7.87 -10.11
N THR B 74 42.82 -8.22 -11.39
CA THR B 74 43.87 -8.84 -12.18
C THR B 74 44.29 -7.88 -13.28
N GLU B 75 45.30 -8.29 -14.05
CA GLU B 75 45.79 -7.44 -15.11
C GLU B 75 45.04 -7.62 -16.42
N LYS B 76 44.23 -8.68 -16.55
CA LYS B 76 43.42 -8.86 -17.75
C LYS B 76 41.90 -8.96 -17.50
N ASP B 77 41.45 -9.38 -16.32
CA ASP B 77 40.01 -9.46 -16.08
C ASP B 77 39.38 -8.07 -16.15
N GLU B 78 38.20 -8.00 -16.78
CA GLU B 78 37.50 -6.75 -17.08
C GLU B 78 36.16 -6.76 -16.35
N TYR B 79 36.01 -5.92 -15.34
CA TYR B 79 34.78 -5.86 -14.55
C TYR B 79 33.89 -4.72 -15.01
N ALA B 80 32.59 -4.85 -14.76
CA ALA B 80 31.62 -3.84 -15.19
C ALA B 80 30.36 -3.92 -14.33
N CYS B 81 29.36 -3.10 -14.67
CA CYS B 81 28.11 -2.99 -13.93
C CYS B 81 26.97 -2.69 -14.90
N ARG B 82 25.97 -3.59 -14.96
CA ARG B 82 24.82 -3.47 -15.85
C ARG B 82 23.58 -3.09 -15.04
N VAL B 83 22.82 -2.10 -15.54
CA VAL B 83 21.74 -1.46 -14.80
C VAL B 83 20.53 -1.27 -15.73
N ASN B 84 19.33 -1.67 -15.27
CA ASN B 84 18.09 -1.45 -16.01
C ASN B 84 17.11 -0.62 -15.18
N HIS B 85 16.31 0.18 -15.87
CA HIS B 85 15.32 1.05 -15.25
C HIS B 85 14.31 1.41 -16.33
N VAL B 86 13.09 1.76 -15.89
CA VAL B 86 12.01 2.06 -16.82
C VAL B 86 12.24 3.32 -17.63
N THR B 87 13.23 4.13 -17.27
CA THR B 87 13.65 5.27 -18.08
C THR B 87 14.70 4.90 -19.12
N LEU B 88 15.10 3.63 -19.18
CA LEU B 88 16.20 3.13 -20.02
C LEU B 88 15.68 2.26 -21.15
N SER B 89 16.13 2.55 -22.38
CA SER B 89 15.76 1.73 -23.53
C SER B 89 16.15 0.26 -23.33
N GLN B 90 17.35 0.03 -22.85
CA GLN B 90 17.89 -1.31 -22.62
C GLN B 90 18.89 -1.19 -21.49
N PRO B 91 19.44 -2.33 -21.01
CA PRO B 91 20.47 -2.24 -19.95
C PRO B 91 21.64 -1.33 -20.35
N LYS B 92 22.10 -0.54 -19.38
CA LYS B 92 23.28 0.31 -19.54
C LYS B 92 24.43 -0.31 -18.75
N ILE B 93 25.59 -0.44 -19.39
CA ILE B 93 26.77 -1.01 -18.74
C ILE B 93 27.85 0.06 -18.64
N VAL B 94 28.63 0.00 -17.56
CA VAL B 94 29.74 0.90 -17.34
C VAL B 94 30.95 0.07 -16.93
N LYS B 95 32.05 0.21 -17.67
CA LYS B 95 33.25 -0.59 -17.47
C LYS B 95 34.06 -0.04 -16.31
N TRP B 96 34.64 -0.93 -15.50
CA TRP B 96 35.45 -0.51 -14.37
C TRP B 96 36.79 0.04 -14.85
N ASP B 97 36.97 1.35 -14.79
CA ASP B 97 38.28 1.98 -14.91
C ASP B 97 38.91 2.05 -13.52
N ARG B 98 40.03 1.35 -13.32
CA ARG B 98 40.65 1.32 -12.00
C ARG B 98 41.17 2.69 -11.57
N ASP B 99 41.35 3.61 -12.51
CA ASP B 99 41.81 4.96 -12.22
C ASP B 99 40.69 5.96 -12.06
N MET B 100 39.44 5.51 -12.15
CA MET B 100 38.33 6.43 -11.99
C MET B 100 37.31 5.89 -10.99
N GLY C 1 -28.07 -8.69 19.85
CA GLY C 1 -27.10 -7.64 20.14
C GLY C 1 -27.33 -6.41 19.27
N SER C 2 -26.32 -6.05 18.46
CA SER C 2 -26.52 -5.02 17.46
C SER C 2 -27.07 -5.56 16.15
N HIS C 3 -27.67 -4.66 15.39
CA HIS C 3 -28.43 -4.98 14.20
C HIS C 3 -28.40 -3.75 13.29
N SER C 4 -28.41 -4.00 11.99
CA SER C 4 -28.38 -2.94 11.01
C SER C 4 -29.48 -3.17 9.99
N MET C 5 -29.92 -2.08 9.37
CA MET C 5 -30.72 -2.10 8.15
C MET C 5 -30.06 -1.16 7.18
N ARG C 6 -29.71 -1.66 6.00
CA ARG C 6 -29.00 -0.86 5.02
C ARG C 6 -29.65 -1.10 3.66
N TYR C 7 -29.73 -0.03 2.86
CA TYR C 7 -30.12 -0.10 1.45
C TYR C 7 -28.93 0.22 0.56
N PHE C 8 -28.78 -0.53 -0.53
CA PHE C 8 -27.65 -0.36 -1.45
C PHE C 8 -28.16 -0.03 -2.83
N TYR C 9 -27.96 1.22 -3.29
CA TYR C 9 -28.41 1.66 -4.61
C TYR C 9 -27.26 1.74 -5.59
N THR C 10 -27.49 1.30 -6.82
CA THR C 10 -26.48 1.41 -7.87
C THR C 10 -27.10 1.97 -9.13
N SER C 11 -26.43 2.93 -9.74
CA SER C 11 -26.95 3.62 -10.90
C SER C 11 -25.86 3.66 -11.96
N VAL C 12 -26.16 3.13 -13.15
CA VAL C 12 -25.15 2.94 -14.19
C VAL C 12 -25.66 3.61 -15.46
N SER C 13 -25.03 4.73 -15.84
CA SER C 13 -25.33 5.43 -17.08
C SER C 13 -24.75 4.69 -18.28
N ARG C 14 -25.43 4.82 -19.43
CA ARG C 14 -25.08 4.08 -20.66
C ARG C 14 -25.55 4.88 -21.86
N PRO C 15 -24.91 6.03 -22.12
CA PRO C 15 -25.37 6.89 -23.22
C PRO C 15 -25.42 6.15 -24.55
N GLY C 16 -26.59 6.21 -25.19
CA GLY C 16 -26.85 5.49 -26.41
C GLY C 16 -27.63 4.21 -26.20
N ARG C 17 -27.56 3.64 -25.00
CA ARG C 17 -28.40 2.51 -24.61
C ARG C 17 -29.52 2.95 -23.66
N GLY C 18 -30.06 4.15 -23.83
CA GLY C 18 -31.21 4.58 -23.07
C GLY C 18 -30.86 5.20 -21.75
N GLU C 19 -31.89 5.35 -20.90
CA GLU C 19 -31.71 5.98 -19.60
C GLU C 19 -30.93 5.06 -18.65
N PRO C 20 -30.29 5.63 -17.63
CA PRO C 20 -29.48 4.79 -16.73
C PRO C 20 -30.31 3.84 -15.91
N ARG C 21 -29.70 2.68 -15.64
CA ARG C 21 -30.29 1.58 -14.90
C ARG C 21 -30.12 1.78 -13.40
N PHE C 22 -31.18 1.52 -12.63
CA PHE C 22 -31.15 1.66 -11.18
C PHE C 22 -31.47 0.32 -10.53
N ILE C 23 -30.59 -0.14 -9.65
CA ILE C 23 -30.78 -1.37 -8.90
C ILE C 23 -30.77 -1.04 -7.42
N SER C 24 -31.67 -1.65 -6.67
CA SER C 24 -31.72 -1.40 -5.25
C SER C 24 -31.91 -2.73 -4.54
N VAL C 25 -31.13 -2.98 -3.49
CA VAL C 25 -31.32 -4.12 -2.62
C VAL C 25 -31.30 -3.63 -1.18
N GLY C 26 -31.99 -4.33 -0.30
CA GLY C 26 -32.04 -3.93 1.10
C GLY C 26 -31.68 -5.10 1.98
N TYR C 27 -30.97 -4.81 3.07
CA TYR C 27 -30.53 -5.83 4.01
C TYR C 27 -30.95 -5.50 5.43
N VAL C 28 -31.27 -6.54 6.18
CA VAL C 28 -31.26 -6.53 7.63
C VAL C 28 -30.15 -7.48 8.02
N ASP C 29 -29.13 -6.96 8.70
CA ASP C 29 -27.89 -7.70 8.96
C ASP C 29 -27.40 -8.25 7.62
N ASP C 30 -27.09 -9.54 7.50
CA ASP C 30 -26.62 -10.09 6.24
C ASP C 30 -27.71 -10.82 5.46
N THR C 31 -28.97 -10.55 5.78
CA THR C 31 -30.11 -11.14 5.07
C THR C 31 -30.72 -10.13 4.13
N GLN C 32 -30.67 -10.41 2.83
CA GLN C 32 -31.35 -9.56 1.85
C GLN C 32 -32.86 -9.77 1.96
N PHE C 33 -33.64 -8.69 1.84
CA PHE C 33 -35.08 -8.86 1.98
C PHE C 33 -35.93 -8.23 0.89
N VAL C 34 -35.42 -7.25 0.14
CA VAL C 34 -36.15 -6.66 -0.98
C VAL C 34 -35.14 -6.39 -2.08
N ARG C 35 -35.65 -6.28 -3.31
CA ARG C 35 -34.85 -5.86 -4.46
C ARG C 35 -35.68 -4.97 -5.36
N PHE C 36 -35.02 -4.29 -6.29
CA PHE C 36 -35.70 -3.49 -7.31
C PHE C 36 -34.73 -3.25 -8.45
N ASP C 37 -35.25 -3.38 -9.67
CA ASP C 37 -34.45 -3.27 -10.88
C ASP C 37 -35.30 -2.53 -11.89
N SER C 38 -34.79 -1.40 -12.38
CA SER C 38 -35.54 -0.60 -13.37
C SER C 38 -35.51 -1.21 -14.76
N ASP C 39 -34.57 -2.11 -15.05
CA ASP C 39 -34.51 -2.83 -16.31
C ASP C 39 -35.40 -4.08 -16.33
N ALA C 40 -36.11 -4.36 -15.24
CA ALA C 40 -37.15 -5.37 -15.29
C ALA C 40 -38.33 -4.88 -16.13
N ALA C 41 -39.03 -5.82 -16.78
CA ALA C 41 -39.98 -5.46 -17.84
C ALA C 41 -41.12 -4.61 -17.30
N SER C 42 -41.71 -5.04 -16.19
CA SER C 42 -42.63 -4.20 -15.40
C SER C 42 -42.04 -4.08 -14.01
N PRO C 43 -41.29 -3.02 -13.71
CA PRO C 43 -40.55 -2.99 -12.46
C PRO C 43 -41.49 -2.80 -11.27
N ARG C 44 -41.11 -3.44 -10.15
CA ARG C 44 -41.78 -3.39 -8.86
C ARG C 44 -40.82 -3.90 -7.79
N GLU C 45 -40.86 -3.30 -6.59
CA GLU C 45 -40.07 -3.83 -5.48
C GLU C 45 -40.55 -5.22 -5.11
N GLU C 46 -39.63 -6.17 -5.03
CA GLU C 46 -40.00 -7.57 -4.89
C GLU C 46 -39.42 -8.17 -3.62
N PRO C 47 -40.21 -8.92 -2.84
CA PRO C 47 -39.69 -9.52 -1.61
C PRO C 47 -38.64 -10.58 -1.88
N ARG C 48 -37.72 -10.72 -0.91
CA ARG C 48 -36.59 -11.62 -1.01
C ARG C 48 -36.31 -12.36 0.31
N ALA C 49 -37.19 -12.24 1.28
CA ALA C 49 -37.18 -13.01 2.51
C ALA C 49 -38.64 -13.29 2.87
N PRO C 50 -38.91 -14.34 3.68
CA PRO C 50 -40.32 -14.67 3.97
C PRO C 50 -40.99 -13.76 5.00
N TRP C 51 -40.20 -13.16 5.90
CA TRP C 51 -40.78 -12.29 6.91
C TRP C 51 -41.16 -10.90 6.38
N ILE C 52 -40.90 -10.60 5.11
CA ILE C 52 -41.28 -9.33 4.53
C ILE C 52 -42.53 -9.47 3.66
N GLU C 53 -42.92 -10.69 3.30
CA GLU C 53 -44.08 -10.88 2.42
C GLU C 53 -45.40 -10.44 3.07
N GLN C 54 -45.51 -10.52 4.39
CA GLN C 54 -46.71 -10.03 5.04
C GLN C 54 -46.96 -8.53 4.83
N GLU C 55 -45.99 -7.76 4.34
CA GLU C 55 -46.26 -6.34 4.09
C GLU C 55 -47.31 -6.18 2.98
N GLY C 56 -48.26 -5.27 3.21
CA GLY C 56 -49.43 -5.14 2.36
C GLY C 56 -49.10 -4.45 1.06
N PRO C 57 -50.02 -4.50 0.10
CA PRO C 57 -49.73 -3.87 -1.19
C PRO C 57 -49.39 -2.39 -1.07
N GLU C 58 -49.95 -1.68 -0.09
CA GLU C 58 -49.56 -0.28 0.09
C GLU C 58 -48.06 -0.15 0.26
N TYR C 59 -47.43 -1.11 0.95
CA TYR C 59 -45.98 -1.17 1.07
C TYR C 59 -45.29 -1.27 -0.30
N TRP C 60 -45.68 -2.23 -1.12
CA TRP C 60 -44.95 -2.47 -2.36
C TRP C 60 -45.22 -1.39 -3.38
N ASP C 61 -46.45 -0.87 -3.42
CA ASP C 61 -46.77 0.23 -4.32
C ASP C 61 -45.89 1.44 -4.00
N ARG C 62 -45.99 1.97 -2.78
CA ARG C 62 -45.21 3.12 -2.37
C ARG C 62 -43.72 2.96 -2.71
N ASN C 63 -43.08 1.92 -2.20
CA ASN C 63 -41.63 1.78 -2.32
C ASN C 63 -41.18 1.77 -3.78
N THR C 64 -41.93 1.08 -4.66
CA THR C 64 -41.66 1.06 -6.08
C THR C 64 -41.65 2.48 -6.66
N GLN C 65 -42.55 3.32 -6.19
CA GLN C 65 -42.54 4.70 -6.65
C GLN C 65 -41.34 5.44 -6.09
N ILE C 66 -40.96 5.15 -4.85
CA ILE C 66 -39.80 5.80 -4.24
C ILE C 66 -38.55 5.48 -5.05
N TYR C 67 -38.40 4.23 -5.48
CA TYR C 67 -37.25 3.87 -6.30
C TYR C 67 -37.30 4.58 -7.65
N LYS C 68 -38.48 4.67 -8.26
CA LYS C 68 -38.60 5.41 -9.52
C LYS C 68 -38.15 6.86 -9.31
N ALA C 69 -38.61 7.48 -8.23
CA ALA C 69 -38.24 8.85 -7.94
C ALA C 69 -36.75 8.98 -7.67
N GLN C 70 -36.20 8.03 -6.92
CA GLN C 70 -34.78 8.03 -6.62
C GLN C 70 -33.95 7.75 -7.87
N ALA C 71 -34.43 6.86 -8.71
CA ALA C 71 -33.69 6.60 -9.93
C ALA C 71 -33.55 7.87 -10.74
N GLN C 72 -34.54 8.76 -10.65
CA GLN C 72 -34.55 10.04 -11.35
C GLN C 72 -33.53 11.01 -10.75
N THR C 73 -33.40 11.02 -9.42
CA THR C 73 -32.40 11.83 -8.72
C THR C 73 -30.99 11.39 -9.08
N ASP C 74 -30.77 10.08 -9.07
CA ASP C 74 -29.48 9.52 -9.43
C ASP C 74 -29.06 9.92 -10.83
N ARG C 75 -30.02 9.97 -11.76
CA ARG C 75 -29.81 10.43 -13.15
C ARG C 75 -29.29 11.85 -13.20
N GLU C 76 -29.89 12.73 -12.40
CA GLU C 76 -29.48 14.13 -12.35
C GLU C 76 -28.11 14.25 -11.69
N SER C 77 -27.90 13.53 -10.59
CA SER C 77 -26.62 13.53 -9.91
C SER C 77 -25.51 13.01 -10.80
N LEU C 78 -25.79 11.95 -11.55
CA LEU C 78 -24.82 11.47 -12.53
C LEU C 78 -24.43 12.56 -13.52
N ARG C 79 -25.40 13.33 -14.01
CA ARG C 79 -25.08 14.45 -14.89
C ARG C 79 -24.25 15.50 -14.17
N ASN C 80 -24.67 15.93 -12.97
CA ASN C 80 -23.88 16.87 -12.20
C ASN C 80 -22.43 16.40 -12.05
N LEU C 81 -22.25 15.13 -11.67
CA LEU C 81 -20.92 14.60 -11.39
C LEU C 81 -20.03 14.63 -12.63
N ARG C 82 -20.60 14.34 -13.79
CA ARG C 82 -19.85 14.43 -15.05
C ARG C 82 -19.29 15.83 -15.24
N GLY C 83 -20.04 16.86 -14.83
CA GLY C 83 -19.53 18.22 -14.95
C GLY C 83 -18.41 18.49 -13.98
N TYR C 84 -18.53 17.97 -12.75
CA TYR C 84 -17.52 18.14 -11.73
C TYR C 84 -16.16 17.59 -12.18
N TYR C 85 -16.15 16.40 -12.75
CA TYR C 85 -14.92 15.74 -13.17
C TYR C 85 -14.56 16.06 -14.60
N ASN C 86 -15.31 16.94 -15.27
CA ASN C 86 -14.98 17.41 -16.61
C ASN C 86 -14.95 16.26 -17.60
N GLN C 87 -15.73 15.23 -17.34
CA GLN C 87 -15.72 14.04 -18.18
C GLN C 87 -16.52 14.27 -19.45
N SER C 88 -16.30 13.39 -20.42
CA SER C 88 -16.98 13.49 -21.70
C SER C 88 -18.37 12.90 -21.60
N GLU C 89 -19.22 13.31 -22.53
CA GLU C 89 -20.61 12.85 -22.55
C GLU C 89 -20.77 11.45 -23.10
N ALA C 90 -19.75 10.91 -23.76
CA ALA C 90 -19.86 9.59 -24.38
C ALA C 90 -19.75 8.46 -23.38
N GLY C 91 -19.23 8.73 -22.19
CA GLY C 91 -18.80 7.67 -21.31
C GLY C 91 -19.87 7.17 -20.37
N SER C 92 -19.65 5.93 -19.93
CA SER C 92 -20.47 5.24 -18.94
C SER C 92 -19.85 5.40 -17.56
N HIS C 93 -20.67 5.79 -16.58
CA HIS C 93 -20.21 6.06 -15.24
C HIS C 93 -21.18 5.41 -14.24
N THR C 94 -20.67 5.10 -13.03
CA THR C 94 -21.43 4.38 -12.03
C THR C 94 -21.56 5.21 -10.76
N LEU C 95 -22.74 5.18 -10.14
CA LEU C 95 -22.99 5.88 -8.90
C LEU C 95 -23.61 4.92 -7.89
N GLN C 96 -22.94 4.73 -6.74
CA GLN C 96 -23.40 3.84 -5.69
C GLN C 96 -23.68 4.63 -4.43
N SER C 97 -24.76 4.27 -3.75
CA SER C 97 -25.16 4.89 -2.50
C SER C 97 -25.45 3.79 -1.48
N MET C 98 -25.15 4.07 -0.22
CA MET C 98 -25.35 3.16 0.89
C MET C 98 -25.83 4.02 2.03
N TYR C 99 -26.95 3.66 2.63
CA TYR C 99 -27.41 4.38 3.81
C TYR C 99 -28.15 3.42 4.73
N GLY C 100 -28.25 3.80 5.98
CA GLY C 100 -29.00 3.00 6.94
C GLY C 100 -28.56 3.29 8.35
N CYS C 101 -28.99 2.43 9.24
CA CYS C 101 -28.79 2.70 10.65
C CYS C 101 -28.41 1.40 11.37
N ASP C 102 -27.50 1.52 12.34
CA ASP C 102 -27.18 0.44 13.25
C ASP C 102 -27.76 0.80 14.60
N VAL C 103 -28.48 -0.12 15.22
CA VAL C 103 -28.96 0.09 16.58
C VAL C 103 -28.22 -0.87 17.49
N GLY C 104 -27.90 -0.40 18.70
CA GLY C 104 -27.26 -1.22 19.69
C GLY C 104 -28.26 -2.15 20.36
N PRO C 105 -27.87 -2.74 21.49
CA PRO C 105 -28.79 -3.68 22.18
C PRO C 105 -30.01 -3.00 22.79
N ASP C 106 -29.94 -1.71 23.10
CA ASP C 106 -31.05 -0.97 23.69
C ASP C 106 -32.09 -0.51 22.67
N GLY C 107 -31.94 -0.85 21.40
CA GLY C 107 -32.87 -0.43 20.38
C GLY C 107 -32.71 1.00 19.92
N ARG C 108 -31.85 1.79 20.57
CA ARG C 108 -31.58 3.16 20.19
C ARG C 108 -30.49 3.22 19.11
N LEU C 109 -30.49 4.29 18.34
CA LEU C 109 -29.56 4.41 17.22
C LEU C 109 -28.11 4.48 17.70
N LEU C 110 -27.28 3.62 17.13
CA LEU C 110 -25.86 3.61 17.40
C LEU C 110 -25.06 4.41 16.40
N ARG C 111 -25.33 4.20 15.11
CA ARG C 111 -24.56 4.82 14.04
C ARG C 111 -25.49 4.99 12.84
N GLY C 112 -25.43 6.15 12.23
CA GLY C 112 -26.17 6.43 11.00
C GLY C 112 -25.20 6.46 9.83
N HIS C 113 -25.60 5.86 8.73
CA HIS C 113 -24.77 5.83 7.54
C HIS C 113 -25.50 6.48 6.38
N ASP C 114 -24.69 7.11 5.51
CA ASP C 114 -25.16 7.77 4.29
C ASP C 114 -23.92 8.10 3.45
N GLN C 115 -23.58 7.27 2.47
CA GLN C 115 -22.36 7.53 1.69
C GLN C 115 -22.53 7.17 0.24
N TYR C 116 -21.64 7.72 -0.58
CA TYR C 116 -21.71 7.57 -2.02
C TYR C 116 -20.33 7.29 -2.58
N ALA C 117 -20.32 6.58 -3.70
CA ALA C 117 -19.11 6.35 -4.46
C ALA C 117 -19.38 6.67 -5.92
N TYR C 118 -18.46 7.40 -6.55
CA TYR C 118 -18.54 7.66 -7.99
C TYR C 118 -17.42 6.90 -8.68
N ASP C 119 -17.81 5.99 -9.57
CA ASP C 119 -16.91 5.24 -10.46
C ASP C 119 -15.90 4.39 -9.68
N GLY C 120 -16.40 3.69 -8.66
CA GLY C 120 -15.61 2.80 -7.85
C GLY C 120 -14.95 3.43 -6.64
N LYS C 121 -14.78 4.74 -6.62
CA LYS C 121 -14.00 5.42 -5.60
C LYS C 121 -14.93 6.21 -4.67
N ASP C 122 -14.47 6.41 -3.43
CA ASP C 122 -15.25 7.17 -2.45
C ASP C 122 -15.57 8.58 -2.96
N TYR C 123 -16.77 9.05 -2.67
CA TYR C 123 -17.11 10.41 -3.06
C TYR C 123 -17.40 11.28 -1.84
N ILE C 124 -18.40 10.95 -1.04
CA ILE C 124 -18.74 11.76 0.13
C ILE C 124 -19.42 10.85 1.13
N ALA C 125 -19.24 11.15 2.42
CA ALA C 125 -19.81 10.30 3.46
C ALA C 125 -20.20 11.17 4.65
N LEU C 126 -21.33 10.82 5.29
CA LEU C 126 -21.85 11.56 6.43
C LEU C 126 -21.15 11.07 7.69
N ASN C 127 -20.81 12.00 8.57
CA ASN C 127 -20.08 11.67 9.79
C ASN C 127 -21.04 11.25 10.90
N GLU C 128 -20.46 10.74 11.98
CA GLU C 128 -21.27 10.19 13.07
C GLU C 128 -22.23 11.20 13.67
N ASP C 129 -21.95 12.50 13.54
CA ASP C 129 -22.85 13.52 14.08
C ASP C 129 -24.08 13.74 13.20
N LEU C 130 -24.13 13.10 12.03
CA LEU C 130 -25.23 13.25 11.07
C LEU C 130 -25.50 14.71 10.74
N ARG C 131 -24.48 15.58 10.85
CA ARG C 131 -24.60 16.96 10.43
C ARG C 131 -23.49 17.45 9.51
N SER C 132 -22.34 16.76 9.45
CA SER C 132 -21.25 17.13 8.57
C SER C 132 -20.83 15.98 7.66
N TRP C 133 -20.21 16.35 6.54
CA TRP C 133 -19.78 15.42 5.52
C TRP C 133 -18.27 15.44 5.41
N THR C 134 -17.70 14.32 4.98
CA THR C 134 -16.30 14.28 4.58
C THR C 134 -16.19 13.88 3.12
N ALA C 135 -15.41 14.65 2.36
CA ALA C 135 -15.26 14.52 0.93
C ALA C 135 -13.95 13.82 0.57
N ALA C 136 -14.01 12.93 -0.40
CA ALA C 136 -12.82 12.16 -0.74
C ALA C 136 -11.87 12.88 -1.69
N ASP C 137 -12.27 14.03 -2.25
CA ASP C 137 -11.49 14.78 -3.23
C ASP C 137 -12.14 16.14 -3.41
N THR C 138 -11.53 16.99 -4.25
CA THR C 138 -12.02 18.35 -4.39
C THR C 138 -13.38 18.41 -5.07
N ALA C 139 -13.64 17.52 -6.03
CA ALA C 139 -14.96 17.51 -6.67
C ALA C 139 -16.07 17.32 -5.65
N ALA C 140 -15.87 16.45 -4.67
CA ALA C 140 -16.90 16.21 -3.67
C ALA C 140 -17.07 17.36 -2.70
N GLN C 141 -16.16 18.33 -2.70
CA GLN C 141 -16.39 19.48 -1.85
C GLN C 141 -17.58 20.29 -2.33
N ILE C 142 -17.84 20.30 -3.64
CA ILE C 142 -19.02 20.96 -4.19
C ILE C 142 -20.26 20.45 -3.49
N THR C 143 -20.46 19.13 -3.53
CA THR C 143 -21.60 18.51 -2.86
C THR C 143 -21.61 18.86 -1.38
N GLN C 144 -20.43 18.94 -0.78
CA GLN C 144 -20.38 19.21 0.64
C GLN C 144 -21.02 20.54 0.99
N ARG C 145 -20.60 21.63 0.32
CA ARG C 145 -21.19 22.95 0.59
C ARG C 145 -22.65 22.99 0.21
N LYS C 146 -22.98 22.42 -0.96
CA LYS C 146 -24.37 22.35 -1.40
C LYS C 146 -25.26 21.80 -0.30
N TRP C 147 -24.82 20.72 0.36
CA TRP C 147 -25.61 19.98 1.34
C TRP C 147 -25.54 20.57 2.74
N GLU C 148 -24.35 20.98 3.18
CA GLU C 148 -24.22 21.57 4.52
C GLU C 148 -24.91 22.93 4.58
N ALA C 149 -24.83 23.71 3.51
CA ALA C 149 -25.51 24.99 3.39
C ALA C 149 -26.95 24.85 2.87
N ALA C 150 -27.72 23.94 3.47
CA ALA C 150 -29.12 23.74 3.14
C ALA C 150 -29.91 23.46 4.41
N ARG C 151 -31.20 23.84 4.42
CA ARG C 151 -32.08 23.51 5.54
C ARG C 151 -32.46 22.05 5.54
N GLU C 152 -32.44 21.42 4.38
CA GLU C 152 -32.84 20.03 4.20
C GLU C 152 -31.88 19.05 4.89
N ALA C 153 -30.98 19.52 5.76
CA ALA C 153 -30.20 18.58 6.57
C ALA C 153 -31.11 17.79 7.51
N GLU C 154 -32.12 18.44 8.07
CA GLU C 154 -32.95 17.81 9.09
C GLU C 154 -33.85 16.70 8.54
N GLN C 155 -34.14 16.68 7.24
CA GLN C 155 -34.89 15.54 6.70
C GLN C 155 -34.04 14.28 6.70
N ARG C 156 -32.75 14.43 6.41
CA ARG C 156 -31.88 13.29 6.23
C ARG C 156 -31.54 12.64 7.55
N ARG C 157 -31.25 13.45 8.57
CA ARG C 157 -31.02 12.94 9.92
C ARG C 157 -32.27 12.32 10.52
N ALA C 158 -33.43 12.92 10.25
CA ALA C 158 -34.69 12.44 10.83
C ALA C 158 -35.03 11.04 10.35
N TYR C 159 -34.60 10.69 9.14
CA TYR C 159 -34.81 9.34 8.65
C TYR C 159 -33.99 8.33 9.46
N LEU C 160 -32.68 8.59 9.59
CA LEU C 160 -31.78 7.65 10.24
C LEU C 160 -32.03 7.57 11.74
N GLU C 161 -32.14 8.73 12.41
CA GLU C 161 -32.38 8.73 13.85
C GLU C 161 -33.79 8.25 14.18
N GLY C 162 -34.74 8.46 13.28
CA GLY C 162 -36.13 8.12 13.55
C GLY C 162 -36.64 6.85 12.90
N GLU C 163 -37.32 6.98 11.76
CA GLU C 163 -38.09 5.86 11.23
C GLU C 163 -37.20 4.70 10.81
N CYS C 164 -35.99 4.99 10.31
CA CYS C 164 -35.08 3.90 9.94
C CYS C 164 -34.96 2.90 11.09
N VAL C 165 -34.68 3.41 12.29
CA VAL C 165 -34.60 2.59 13.50
C VAL C 165 -35.90 1.79 13.74
N GLU C 166 -37.05 2.43 13.49
CA GLU C 166 -38.32 1.76 13.79
C GLU C 166 -38.68 0.70 12.75
N TRP C 167 -38.20 0.87 11.51
CA TRP C 167 -38.43 -0.17 10.51
C TRP C 167 -37.62 -1.40 10.84
N LEU C 168 -36.34 -1.21 11.16
CA LEU C 168 -35.47 -2.31 11.56
C LEU C 168 -36.08 -3.12 12.69
N ARG C 169 -36.60 -2.43 13.70
CA ARG C 169 -37.26 -3.09 14.82
C ARG C 169 -38.47 -3.90 14.34
N ARG C 170 -39.37 -3.29 13.55
CA ARG C 170 -40.47 -4.04 12.95
C ARG C 170 -39.98 -5.30 12.25
N TYR C 171 -38.89 -5.18 11.49
CA TYR C 171 -38.42 -6.32 10.72
C TYR C 171 -37.87 -7.40 11.63
N LEU C 172 -37.24 -7.03 12.74
CA LEU C 172 -36.77 -8.02 13.69
C LEU C 172 -37.91 -8.71 14.43
N GLU C 173 -38.97 -7.97 14.77
CA GLU C 173 -40.19 -8.56 15.33
C GLU C 173 -40.78 -9.59 14.37
N ASN C 174 -40.96 -9.21 13.09
CA ASN C 174 -41.52 -10.14 12.10
C ASN C 174 -40.53 -11.25 11.76
N GLY C 175 -39.23 -10.94 11.82
CA GLY C 175 -38.22 -11.93 11.51
C GLY C 175 -37.99 -12.93 12.60
N LYS C 176 -38.34 -12.58 13.83
CA LYS C 176 -38.25 -13.47 14.98
C LYS C 176 -36.87 -14.08 15.04
N ASP C 177 -36.86 -15.42 15.10
N ASP C 177 -36.80 -15.42 15.10
CA ASP C 177 -35.62 -16.18 15.22
CA ASP C 177 -35.51 -16.06 15.26
C ASP C 177 -34.74 -15.99 13.99
C ASP C 177 -34.68 -16.01 13.97
N LYS C 178 -35.33 -16.12 12.80
CA LYS C 178 -34.64 -16.07 11.51
C LYS C 178 -33.53 -15.03 11.43
N LEU C 179 -33.78 -13.84 11.97
CA LEU C 179 -32.80 -12.76 11.97
C LEU C 179 -32.13 -12.55 13.31
N GLU C 180 -32.82 -12.82 14.41
CA GLU C 180 -32.24 -12.56 15.73
C GLU C 180 -31.20 -13.63 16.10
N ARG C 181 -31.48 -14.88 15.78
CA ARG C 181 -30.58 -15.98 16.10
C ARG C 181 -29.28 -15.90 15.29
N ALA C 182 -28.15 -16.12 15.96
CA ALA C 182 -26.84 -16.27 15.31
C ALA C 182 -26.53 -17.76 15.16
N ASP C 183 -26.32 -18.21 13.92
CA ASP C 183 -26.03 -19.62 13.65
C ASP C 183 -24.53 -19.88 13.68
N PRO C 184 -24.02 -20.77 14.53
CA PRO C 184 -22.58 -20.92 14.65
C PRO C 184 -22.05 -21.91 13.62
N PRO C 185 -20.76 -21.85 13.31
CA PRO C 185 -20.24 -22.71 12.26
C PRO C 185 -20.12 -24.15 12.71
N LYS C 186 -20.34 -25.06 11.78
CA LYS C 186 -19.89 -26.43 11.94
C LYS C 186 -18.45 -26.46 11.46
N THR C 187 -17.54 -26.95 12.29
CA THR C 187 -16.11 -26.82 12.03
C THR C 187 -15.45 -28.20 11.96
N HIS C 188 -14.30 -28.27 11.28
CA HIS C 188 -13.55 -29.51 11.19
C HIS C 188 -12.24 -29.24 10.47
N VAL C 189 -11.20 -29.96 10.87
CA VAL C 189 -9.89 -29.84 10.24
C VAL C 189 -9.66 -31.06 9.38
N THR C 190 -9.27 -30.84 8.13
CA THR C 190 -8.85 -31.93 7.25
C THR C 190 -7.34 -31.88 7.09
N HIS C 191 -6.80 -33.02 6.66
CA HIS C 191 -5.37 -33.22 6.53
C HIS C 191 -5.11 -33.93 5.22
N HIS C 192 -4.27 -33.35 4.38
CA HIS C 192 -4.00 -33.92 3.07
C HIS C 192 -2.53 -33.81 2.73
N PRO C 193 -1.82 -34.92 2.55
CA PRO C 193 -0.37 -34.85 2.30
C PRO C 193 -0.07 -34.32 0.91
N ILE C 194 0.87 -33.37 0.85
CA ILE C 194 1.32 -32.81 -0.40
C ILE C 194 2.70 -33.31 -0.81
N SER C 195 3.53 -33.74 0.16
CA SER C 195 4.85 -34.29 -0.10
C SER C 195 5.03 -35.60 0.66
N ASP C 196 6.27 -35.98 0.87
CA ASP C 196 6.65 -37.02 1.81
C ASP C 196 7.12 -36.42 3.14
N HIS C 197 7.22 -35.09 3.19
CA HIS C 197 7.75 -34.33 4.32
C HIS C 197 6.82 -33.18 4.68
N GLU C 198 5.64 -33.09 4.06
CA GLU C 198 4.76 -31.95 4.20
C GLU C 198 3.33 -32.39 3.94
N ALA C 199 2.38 -31.65 4.51
CA ALA C 199 0.95 -31.94 4.37
C ALA C 199 0.18 -30.66 4.67
N THR C 200 -1.06 -30.59 4.16
CA THR C 200 -1.93 -29.43 4.32
C THR C 200 -2.99 -29.68 5.38
N LEU C 201 -3.06 -28.81 6.38
CA LEU C 201 -4.16 -28.79 7.33
C LEU C 201 -5.09 -27.67 6.94
N ARG C 202 -6.36 -28.00 6.72
CA ARG C 202 -7.37 -27.01 6.34
C ARG C 202 -8.51 -27.04 7.35
N CYS C 203 -8.69 -25.93 8.02
CA CYS C 203 -9.72 -25.74 9.01
C CYS C 203 -10.96 -25.20 8.33
N TRP C 204 -12.08 -25.90 8.49
CA TRP C 204 -13.31 -25.50 7.82
C TRP C 204 -14.30 -24.87 8.79
N ALA C 205 -15.16 -24.01 8.25
CA ALA C 205 -16.30 -23.47 8.99
C ALA C 205 -17.45 -23.32 8.00
N LEU C 206 -18.57 -23.96 8.29
CA LEU C 206 -19.70 -23.99 7.37
C LEU C 206 -20.96 -23.65 8.12
N GLY C 207 -21.95 -23.15 7.38
CA GLY C 207 -23.29 -22.97 7.89
C GLY C 207 -23.45 -21.93 8.96
N PHE C 208 -22.62 -20.89 8.97
CA PHE C 208 -22.73 -19.84 9.97
C PHE C 208 -23.36 -18.55 9.42
N TYR C 209 -23.94 -17.78 10.36
CA TYR C 209 -24.65 -16.53 10.21
C TYR C 209 -24.50 -15.71 11.49
N PRO C 210 -24.08 -14.43 11.44
CA PRO C 210 -23.75 -13.58 10.27
C PRO C 210 -22.45 -13.99 9.60
N ALA C 211 -21.96 -13.15 8.70
CA ALA C 211 -20.82 -13.51 7.88
C ALA C 211 -19.50 -13.24 8.56
N GLU C 212 -19.48 -12.43 9.59
CA GLU C 212 -18.23 -12.07 10.23
C GLU C 212 -17.70 -13.27 11.01
N ILE C 213 -16.56 -13.80 10.59
CA ILE C 213 -15.89 -14.87 11.29
C ILE C 213 -14.42 -14.53 11.40
N THR C 214 -13.71 -15.27 12.23
CA THR C 214 -12.25 -15.22 12.27
C THR C 214 -11.73 -16.63 12.33
N LEU C 215 -10.91 -17.01 11.37
CA LEU C 215 -10.23 -18.30 11.37
C LEU C 215 -8.75 -18.05 11.51
N THR C 216 -8.13 -18.70 12.49
CA THR C 216 -6.74 -18.45 12.80
C THR C 216 -6.02 -19.77 13.05
N TRP C 217 -4.79 -19.88 12.55
CA TRP C 217 -3.94 -21.05 12.80
C TRP C 217 -2.78 -20.63 13.69
N GLN C 218 -2.49 -21.46 14.67
CA GLN C 218 -1.42 -21.19 15.61
C GLN C 218 -0.52 -22.40 15.64
N ARG C 219 0.79 -22.16 15.66
CA ARG C 219 1.81 -23.18 15.84
C ARG C 219 2.43 -22.97 17.21
N ASP C 220 2.23 -23.93 18.11
CA ASP C 220 2.80 -23.87 19.46
C ASP C 220 2.43 -22.58 20.19
N GLY C 221 1.28 -22.01 19.84
CA GLY C 221 0.71 -20.87 20.53
C GLY C 221 0.87 -19.55 19.81
N GLU C 222 1.74 -19.48 18.80
CA GLU C 222 2.00 -18.28 18.04
C GLU C 222 1.20 -18.29 16.75
N ASP C 223 0.71 -17.11 16.35
CA ASP C 223 -0.09 -16.97 15.15
C ASP C 223 0.72 -17.21 13.88
N GLN C 224 0.06 -17.80 12.89
CA GLN C 224 0.68 -18.12 11.62
C GLN C 224 0.18 -17.23 10.49
N THR C 225 -0.20 -16.00 10.82
CA THR C 225 -0.77 -15.05 9.86
C THR C 225 -0.05 -15.04 8.51
N GLN C 226 1.28 -14.98 8.52
CA GLN C 226 2.04 -14.92 7.28
C GLN C 226 2.06 -16.24 6.51
N ASP C 227 1.72 -17.37 7.12
CA ASP C 227 1.78 -18.66 6.43
C ASP C 227 0.42 -19.34 6.25
N THR C 228 -0.67 -18.65 6.57
CA THR C 228 -2.01 -19.18 6.44
C THR C 228 -2.58 -18.72 5.10
N GLU C 229 -2.99 -19.67 4.27
CA GLU C 229 -3.73 -19.34 3.06
C GLU C 229 -5.23 -19.33 3.39
N LEU C 230 -5.87 -18.19 3.22
CA LEU C 230 -7.16 -17.96 3.85
C LEU C 230 -8.14 -17.40 2.82
N VAL C 231 -9.15 -18.19 2.41
CA VAL C 231 -10.10 -17.69 1.40
C VAL C 231 -11.05 -16.67 2.01
N GLU C 232 -11.68 -15.91 1.13
CA GLU C 232 -12.68 -14.92 1.48
C GLU C 232 -14.01 -15.61 1.78
N THR C 233 -14.66 -15.18 2.86
CA THR C 233 -15.97 -15.70 3.24
C THR C 233 -16.93 -15.68 2.07
N ARG C 234 -17.61 -16.81 1.83
CA ARG C 234 -18.50 -16.97 0.69
C ARG C 234 -19.87 -17.46 1.13
N PRO C 235 -20.93 -17.09 0.41
CA PRO C 235 -22.27 -17.58 0.75
C PRO C 235 -22.51 -18.98 0.23
N ALA C 236 -23.23 -19.76 1.03
CA ALA C 236 -23.62 -21.10 0.64
C ALA C 236 -24.83 -21.11 -0.28
N GLY C 237 -25.64 -20.07 -0.23
CA GLY C 237 -26.84 -19.98 -1.04
C GLY C 237 -28.11 -20.13 -0.24
N ASP C 238 -28.01 -20.63 0.98
CA ASP C 238 -29.15 -20.83 1.88
C ASP C 238 -29.14 -19.85 3.03
N ARG C 239 -28.56 -18.67 2.84
CA ARG C 239 -28.32 -17.61 3.83
C ARG C 239 -27.31 -17.99 4.91
N THR C 240 -26.49 -19.02 4.71
CA THR C 240 -25.35 -19.26 5.58
C THR C 240 -24.06 -19.08 4.79
N PHE C 241 -22.94 -19.02 5.49
CA PHE C 241 -21.66 -18.76 4.85
C PHE C 241 -20.66 -19.86 5.15
N GLN C 242 -19.57 -19.82 4.41
CA GLN C 242 -18.49 -20.77 4.55
C GLN C 242 -17.18 -20.03 4.44
N LYS C 243 -16.15 -20.57 5.09
CA LYS C 243 -14.81 -20.04 5.01
C LYS C 243 -13.86 -21.17 5.37
N TRP C 244 -12.63 -21.08 4.87
CA TRP C 244 -11.61 -21.99 5.35
C TRP C 244 -10.26 -21.31 5.40
N ALA C 245 -9.43 -21.80 6.30
CA ALA C 245 -8.09 -21.32 6.51
C ALA C 245 -7.18 -22.54 6.52
N ALA C 246 -6.11 -22.50 5.73
CA ALA C 246 -5.23 -23.63 5.54
C ALA C 246 -3.79 -23.21 5.75
N VAL C 247 -3.01 -24.18 6.23
CA VAL C 247 -1.59 -24.03 6.53
C VAL C 247 -0.87 -25.28 6.04
N VAL C 248 0.40 -25.13 5.66
CA VAL C 248 1.23 -26.27 5.27
C VAL C 248 2.21 -26.58 6.39
N VAL C 249 2.21 -27.82 6.85
CA VAL C 249 2.90 -28.20 8.08
C VAL C 249 3.79 -29.40 7.82
N PRO C 250 4.92 -29.53 8.53
CA PRO C 250 5.82 -30.66 8.28
C PRO C 250 5.20 -31.94 8.79
N SER C 251 5.23 -32.98 7.95
CA SER C 251 4.61 -34.25 8.30
C SER C 251 5.30 -34.85 9.51
N GLY C 252 4.50 -35.25 10.49
CA GLY C 252 4.96 -35.61 11.80
C GLY C 252 4.70 -34.54 12.85
N GLU C 253 4.63 -33.28 12.43
CA GLU C 253 4.54 -32.16 13.35
C GLU C 253 3.13 -31.56 13.42
N GLU C 254 2.13 -32.27 12.88
CA GLU C 254 0.82 -31.66 12.69
C GLU C 254 0.19 -31.20 14.00
N GLN C 255 0.58 -31.77 15.14
CA GLN C 255 -0.17 -31.53 16.35
C GLN C 255 0.34 -30.34 17.13
N ARG C 256 1.36 -29.64 16.63
CA ARG C 256 1.68 -28.32 17.14
C ARG C 256 0.63 -27.29 16.72
N TYR C 257 -0.19 -27.62 15.74
CA TYR C 257 -1.04 -26.65 15.06
C TYR C 257 -2.47 -26.75 15.55
N THR C 258 -3.03 -25.62 15.98
CA THR C 258 -4.42 -25.55 16.34
C THR C 258 -5.12 -24.43 15.55
N CYS C 259 -6.33 -24.71 15.09
CA CYS C 259 -7.20 -23.73 14.47
C CYS C 259 -8.06 -23.06 15.53
N HIS C 260 -8.17 -21.74 15.48
CA HIS C 260 -8.99 -20.99 16.41
C HIS C 260 -10.07 -20.22 15.66
N VAL C 261 -11.32 -20.37 16.10
CA VAL C 261 -12.49 -19.87 15.40
C VAL C 261 -13.17 -18.88 16.32
N GLN C 262 -13.47 -17.69 15.80
CA GLN C 262 -14.21 -16.68 16.53
C GLN C 262 -15.46 -16.32 15.72
N HIS C 263 -16.60 -16.26 16.40
CA HIS C 263 -17.86 -16.02 15.74
C HIS C 263 -18.89 -15.67 16.80
N GLU C 264 -19.99 -15.07 16.36
CA GLU C 264 -20.94 -14.52 17.31
C GLU C 264 -21.83 -15.59 17.91
N GLY C 265 -22.24 -16.56 17.10
CA GLY C 265 -22.98 -17.71 17.57
C GLY C 265 -22.14 -18.76 18.26
N LEU C 266 -20.83 -18.48 18.38
CA LEU C 266 -19.93 -19.25 19.22
C LEU C 266 -19.77 -18.49 20.53
N PRO C 267 -20.40 -19.01 21.59
CA PRO C 267 -20.23 -18.47 22.94
C PRO C 267 -18.78 -18.23 23.31
N LYS C 268 -18.03 -19.31 23.43
CA LYS C 268 -16.60 -19.33 23.65
C LYS C 268 -15.86 -19.53 22.31
N PRO C 269 -14.68 -18.91 22.13
CA PRO C 269 -13.90 -19.21 20.92
C PRO C 269 -13.48 -20.66 20.87
N LEU C 270 -13.60 -21.26 19.69
CA LEU C 270 -13.22 -22.66 19.53
C LEU C 270 -11.75 -22.83 19.20
N THR C 271 -11.14 -23.87 19.77
CA THR C 271 -9.88 -24.44 19.33
C THR C 271 -10.17 -25.78 18.65
N LEU C 272 -9.42 -26.07 17.58
CA LEU C 272 -9.65 -27.27 16.80
C LEU C 272 -8.33 -27.88 16.39
N ARG C 273 -8.28 -29.21 16.35
CA ARG C 273 -7.10 -29.93 15.92
C ARG C 273 -7.54 -30.94 14.88
N TRP C 274 -6.61 -31.36 14.05
CA TRP C 274 -6.89 -32.49 13.19
C TRP C 274 -7.01 -33.72 14.09
N GLU C 275 -8.12 -34.41 14.01
CA GLU C 275 -8.35 -35.57 14.86
C GLU C 275 -8.43 -36.83 14.01
N PRO C 276 -7.28 -37.39 13.55
CA PRO C 276 -7.31 -38.64 12.77
C PRO C 276 -8.02 -39.78 13.47
N MET D 1 -11.21 6.86 -11.91
CA MET D 1 -11.97 5.74 -12.48
C MET D 1 -11.23 4.44 -12.21
N ILE D 2 -11.61 3.72 -11.16
CA ILE D 2 -10.95 2.48 -10.84
C ILE D 2 -11.76 1.33 -11.42
N GLN D 3 -11.05 0.34 -11.91
CA GLN D 3 -11.62 -0.93 -12.31
C GLN D 3 -11.04 -2.00 -11.40
N ARG D 4 -11.82 -3.02 -11.10
CA ARG D 4 -11.36 -4.07 -10.20
C ARG D 4 -11.65 -5.43 -10.82
N THR D 5 -10.65 -6.32 -10.74
CA THR D 5 -10.73 -7.66 -11.30
C THR D 5 -11.55 -8.58 -10.41
N PRO D 6 -12.45 -9.36 -10.97
CA PRO D 6 -13.28 -10.25 -10.14
C PRO D 6 -12.46 -11.35 -9.47
N LYS D 7 -12.82 -11.65 -8.23
CA LYS D 7 -12.31 -12.80 -7.50
C LYS D 7 -13.32 -13.92 -7.65
N ILE D 8 -12.84 -15.13 -7.95
CA ILE D 8 -13.71 -16.24 -8.31
C ILE D 8 -13.52 -17.41 -7.35
N GLN D 9 -14.62 -18.09 -7.01
CA GLN D 9 -14.65 -19.27 -6.15
C GLN D 9 -15.73 -20.21 -6.65
N VAL D 10 -15.41 -21.50 -6.78
CA VAL D 10 -16.38 -22.51 -7.24
C VAL D 10 -16.48 -23.60 -6.18
N TYR D 11 -17.68 -23.81 -5.67
CA TYR D 11 -17.87 -24.65 -4.51
C TYR D 11 -19.32 -25.06 -4.44
N SER D 12 -19.60 -26.12 -3.71
CA SER D 12 -20.97 -26.57 -3.57
C SER D 12 -21.58 -25.97 -2.31
N ARG D 13 -22.89 -26.14 -2.17
CA ARG D 13 -23.54 -25.67 -0.96
C ARG D 13 -23.18 -26.54 0.23
N HIS D 14 -23.41 -27.84 0.11
CA HIS D 14 -23.14 -28.88 1.09
C HIS D 14 -21.97 -29.73 0.64
N PRO D 15 -21.15 -30.22 1.60
CA PRO D 15 -20.00 -31.05 1.25
C PRO D 15 -20.37 -32.08 0.19
N ALA D 16 -19.60 -32.13 -0.89
CA ALA D 16 -20.00 -32.87 -2.08
C ALA D 16 -20.01 -34.36 -1.82
N GLU D 17 -20.99 -35.05 -2.41
CA GLU D 17 -21.07 -36.50 -2.33
C GLU D 17 -21.64 -37.04 -3.63
N ASN D 18 -20.92 -37.97 -4.26
CA ASN D 18 -21.34 -38.52 -5.55
C ASN D 18 -22.72 -39.15 -5.45
N GLY D 19 -23.65 -38.65 -6.26
CA GLY D 19 -25.00 -39.15 -6.29
C GLY D 19 -25.98 -38.29 -5.52
N LYS D 20 -25.51 -37.58 -4.50
CA LYS D 20 -26.39 -36.74 -3.69
C LYS D 20 -26.66 -35.42 -4.37
N SER D 21 -27.92 -34.97 -4.30
CA SER D 21 -28.30 -33.69 -4.87
C SER D 21 -27.68 -32.55 -4.07
N ASN D 22 -27.28 -31.51 -4.78
CA ASN D 22 -26.52 -30.39 -4.20
C ASN D 22 -26.72 -29.17 -5.09
N PHE D 23 -25.95 -28.11 -4.81
CA PHE D 23 -25.99 -26.86 -5.57
C PHE D 23 -24.58 -26.46 -5.94
N LEU D 24 -24.35 -26.15 -7.22
CA LEU D 24 -23.03 -25.69 -7.65
C LEU D 24 -23.02 -24.17 -7.64
N ASN D 25 -22.05 -23.59 -6.93
CA ASN D 25 -21.96 -22.15 -6.74
C ASN D 25 -20.72 -21.59 -7.41
N CYS D 26 -20.91 -20.47 -8.10
CA CYS D 26 -19.82 -19.59 -8.51
C CYS D 26 -20.05 -18.25 -7.84
N TYR D 27 -19.10 -17.82 -7.03
CA TYR D 27 -19.15 -16.56 -6.30
C TYR D 27 -18.14 -15.61 -6.95
N VAL D 28 -18.63 -14.59 -7.64
CA VAL D 28 -17.78 -13.55 -8.22
C VAL D 28 -17.87 -12.33 -7.31
N SER D 29 -16.73 -11.75 -6.96
CA SER D 29 -16.73 -10.68 -5.94
C SER D 29 -15.59 -9.71 -6.21
N GLY D 30 -15.67 -8.54 -5.57
CA GLY D 30 -14.60 -7.57 -5.69
C GLY D 30 -14.33 -7.06 -7.08
N PHE D 31 -15.36 -6.97 -7.93
CA PHE D 31 -15.19 -6.46 -9.29
C PHE D 31 -15.88 -5.12 -9.46
N HIS D 32 -15.36 -4.33 -10.39
CA HIS D 32 -15.86 -3.03 -10.76
C HIS D 32 -15.41 -2.72 -12.19
N PRO D 33 -16.35 -2.36 -13.10
CA PRO D 33 -17.77 -2.10 -12.84
C PRO D 33 -18.67 -3.32 -12.86
N SER D 34 -19.98 -3.08 -12.81
CA SER D 34 -20.94 -4.13 -12.48
C SER D 34 -21.29 -5.01 -13.68
N ASP D 35 -20.74 -4.73 -14.85
CA ASP D 35 -21.03 -5.54 -16.02
C ASP D 35 -20.18 -6.80 -15.95
N ILE D 36 -20.81 -7.97 -15.94
CA ILE D 36 -20.09 -9.25 -15.93
C ILE D 36 -20.94 -10.30 -16.62
N GLU D 37 -20.25 -11.29 -17.22
CA GLU D 37 -20.88 -12.43 -17.87
C GLU D 37 -20.31 -13.70 -17.24
N VAL D 38 -21.15 -14.46 -16.55
CA VAL D 38 -20.74 -15.65 -15.79
C VAL D 38 -21.53 -16.85 -16.28
N ASP D 39 -20.84 -17.92 -16.66
CA ASP D 39 -21.46 -19.16 -17.10
C ASP D 39 -20.92 -20.34 -16.29
N LEU D 40 -21.81 -21.24 -15.87
CA LEU D 40 -21.37 -22.50 -15.25
C LEU D 40 -21.29 -23.59 -16.32
N LEU D 41 -20.30 -24.47 -16.18
CA LEU D 41 -19.96 -25.42 -17.25
C LEU D 41 -19.96 -26.86 -16.74
N LYS D 42 -20.80 -27.70 -17.33
CA LYS D 42 -20.72 -29.15 -17.15
C LYS D 42 -19.90 -29.75 -18.29
N ASN D 43 -18.75 -30.33 -17.96
CA ASN D 43 -17.86 -30.93 -18.94
C ASN D 43 -17.59 -29.96 -20.08
N GLY D 44 -17.46 -28.68 -19.73
CA GLY D 44 -17.07 -27.66 -20.68
C GLY D 44 -18.17 -27.05 -21.52
N GLU D 45 -19.43 -27.39 -21.29
CA GLU D 45 -20.52 -26.84 -22.08
C GLU D 45 -21.52 -26.13 -21.18
N ARG D 46 -21.95 -24.94 -21.61
CA ARG D 46 -22.77 -24.03 -20.81
C ARG D 46 -24.00 -24.72 -20.23
N ILE D 47 -24.16 -24.64 -18.90
CA ILE D 47 -25.33 -25.16 -18.23
C ILE D 47 -26.45 -24.13 -18.30
N GLU D 48 -27.64 -24.58 -18.67
CA GLU D 48 -28.76 -23.66 -18.74
C GLU D 48 -29.51 -23.65 -17.40
N LYS D 49 -30.46 -22.72 -17.28
CA LYS D 49 -31.33 -22.61 -16.10
C LYS D 49 -30.52 -22.32 -14.83
N VAL D 50 -29.53 -21.43 -14.97
CA VAL D 50 -28.71 -20.99 -13.85
C VAL D 50 -29.35 -19.75 -13.24
N GLU D 51 -29.49 -19.74 -11.91
CA GLU D 51 -30.01 -18.58 -11.21
C GLU D 51 -28.88 -17.73 -10.66
N HIS D 52 -29.19 -16.49 -10.31
CA HIS D 52 -28.21 -15.65 -9.65
C HIS D 52 -28.88 -14.74 -8.62
N SER D 53 -28.04 -14.09 -7.82
CA SER D 53 -28.49 -13.19 -6.79
C SER D 53 -28.57 -11.76 -7.31
N ASP D 54 -29.26 -10.91 -6.59
CA ASP D 54 -29.42 -9.53 -7.01
C ASP D 54 -28.17 -8.74 -6.66
N LEU D 55 -27.72 -7.92 -7.60
CA LEU D 55 -26.42 -7.30 -7.53
C LEU D 55 -26.27 -6.43 -6.28
N SER D 56 -25.31 -6.77 -5.42
CA SER D 56 -25.00 -5.93 -4.28
C SER D 56 -23.51 -5.62 -4.27
N PHE D 57 -23.06 -4.80 -3.33
CA PHE D 57 -21.66 -4.42 -3.23
C PHE D 57 -21.22 -4.30 -1.78
N SER D 58 -19.91 -4.37 -1.59
CA SER D 58 -19.21 -4.48 -0.33
C SER D 58 -18.78 -3.11 0.17
N LYS D 59 -18.17 -3.07 1.35
CA LYS D 59 -17.85 -1.79 1.96
C LYS D 59 -16.93 -0.95 1.09
N ASP D 60 -15.98 -1.57 0.38
CA ASP D 60 -15.12 -0.88 -0.58
C ASP D 60 -15.77 -0.67 -1.95
N TRP D 61 -17.10 -0.83 -2.05
CA TRP D 61 -17.92 -0.49 -3.20
C TRP D 61 -17.86 -1.51 -4.32
N SER D 62 -17.08 -2.58 -4.19
CA SER D 62 -16.96 -3.55 -5.27
C SER D 62 -18.16 -4.50 -5.29
N PHE D 63 -18.46 -5.03 -6.46
CA PHE D 63 -19.69 -5.78 -6.63
C PHE D 63 -19.49 -7.26 -6.34
N TYR D 64 -20.58 -7.95 -5.98
CA TYR D 64 -20.55 -9.39 -5.81
C TYR D 64 -21.87 -10.01 -6.24
N LEU D 65 -21.77 -11.22 -6.78
CA LEU D 65 -22.88 -12.00 -7.28
C LEU D 65 -22.63 -13.47 -6.95
N LEU D 66 -23.72 -14.21 -6.78
CA LEU D 66 -23.68 -15.66 -6.58
C LEU D 66 -24.45 -16.31 -7.70
N TYR D 67 -23.75 -17.03 -8.56
CA TYR D 67 -24.38 -17.82 -9.61
C TYR D 67 -24.52 -19.26 -9.12
N TYR D 68 -25.69 -19.86 -9.31
CA TYR D 68 -25.91 -21.19 -8.75
C TYR D 68 -26.90 -21.98 -9.58
N THR D 69 -26.90 -23.29 -9.36
CA THR D 69 -27.80 -24.25 -10.01
C THR D 69 -27.77 -25.57 -9.25
N GLU D 70 -28.92 -26.26 -9.27
CA GLU D 70 -29.01 -27.61 -8.72
C GLU D 70 -28.20 -28.59 -9.56
N PHE D 71 -27.59 -29.58 -8.91
CA PHE D 71 -26.76 -30.54 -9.62
C PHE D 71 -26.46 -31.73 -8.72
N THR D 72 -26.05 -32.82 -9.36
CA THR D 72 -25.68 -34.06 -8.67
C THR D 72 -24.29 -34.48 -9.12
N PRO D 73 -23.28 -34.40 -8.26
CA PRO D 73 -21.90 -34.62 -8.71
C PRO D 73 -21.61 -36.07 -9.07
N THR D 74 -20.54 -36.22 -9.87
CA THR D 74 -20.02 -37.52 -10.31
C THR D 74 -18.49 -37.44 -10.25
N GLU D 75 -17.86 -38.61 -10.30
CA GLU D 75 -16.42 -38.70 -10.54
C GLU D 75 -16.09 -38.30 -11.97
N LYS D 76 -16.70 -39.00 -12.94
CA LYS D 76 -16.66 -38.64 -14.36
C LYS D 76 -17.00 -37.16 -14.60
N ASP D 77 -18.09 -36.66 -14.01
CA ASP D 77 -18.59 -35.33 -14.32
C ASP D 77 -17.71 -34.25 -13.68
N GLU D 78 -17.13 -33.38 -14.51
CA GLU D 78 -16.37 -32.25 -13.98
C GLU D 78 -17.01 -30.94 -14.41
N TYR D 79 -17.07 -30.01 -13.47
CA TYR D 79 -17.77 -28.73 -13.62
C TYR D 79 -16.79 -27.57 -13.47
N ALA D 80 -17.17 -26.41 -13.99
CA ALA D 80 -16.33 -25.23 -13.88
C ALA D 80 -17.18 -23.98 -13.93
N CYS D 81 -16.53 -22.82 -13.88
CA CYS D 81 -17.18 -21.53 -13.96
C CYS D 81 -16.37 -20.69 -14.93
N ARG D 82 -17.04 -20.03 -15.88
CA ARG D 82 -16.37 -19.16 -16.83
C ARG D 82 -16.89 -17.73 -16.73
N VAL D 83 -16.02 -16.81 -16.32
CA VAL D 83 -16.34 -15.42 -16.04
C VAL D 83 -15.72 -14.51 -17.09
N ASN D 84 -16.48 -13.49 -17.51
CA ASN D 84 -16.00 -12.48 -18.45
C ASN D 84 -16.25 -11.07 -17.91
N HIS D 85 -15.25 -10.19 -18.08
CA HIS D 85 -15.27 -8.87 -17.47
C HIS D 85 -14.35 -7.94 -18.26
N VAL D 86 -14.57 -6.63 -18.10
CA VAL D 86 -13.78 -5.68 -18.87
C VAL D 86 -12.31 -5.74 -18.47
N THR D 87 -12.02 -6.14 -17.22
CA THR D 87 -10.66 -6.17 -16.72
C THR D 87 -9.88 -7.40 -17.20
N LEU D 88 -10.55 -8.32 -17.88
CA LEU D 88 -9.99 -9.60 -18.27
C LEU D 88 -9.60 -9.60 -19.74
N SER D 89 -8.38 -10.03 -20.04
CA SER D 89 -7.91 -10.18 -21.41
C SER D 89 -8.79 -11.15 -22.19
N GLN D 90 -9.10 -12.30 -21.57
CA GLN D 90 -9.83 -13.42 -22.13
C GLN D 90 -10.76 -13.92 -21.04
N PRO D 91 -11.79 -14.67 -21.38
CA PRO D 91 -12.61 -15.29 -20.33
C PRO D 91 -11.73 -16.15 -19.44
N LYS D 92 -12.03 -16.12 -18.14
CA LYS D 92 -11.33 -16.92 -17.12
C LYS D 92 -12.23 -18.08 -16.69
N ILE D 93 -11.68 -19.28 -16.70
CA ILE D 93 -12.41 -20.47 -16.26
C ILE D 93 -11.77 -20.98 -14.97
N VAL D 94 -12.62 -21.36 -14.03
CA VAL D 94 -12.17 -21.84 -12.73
C VAL D 94 -12.87 -23.17 -12.50
N LYS D 95 -12.07 -24.23 -12.35
CA LYS D 95 -12.61 -25.57 -12.21
C LYS D 95 -12.98 -25.83 -10.76
N TRP D 96 -14.06 -26.58 -10.57
CA TRP D 96 -14.57 -26.87 -9.25
C TRP D 96 -13.75 -27.98 -8.58
N ASP D 97 -13.19 -27.66 -7.42
CA ASP D 97 -12.47 -28.61 -6.60
C ASP D 97 -13.34 -28.96 -5.40
N ARG D 98 -13.69 -30.24 -5.26
CA ARG D 98 -14.64 -30.70 -4.25
C ARG D 98 -14.09 -30.60 -2.82
N ASP D 99 -12.79 -30.39 -2.66
CA ASP D 99 -12.17 -30.18 -1.35
C ASP D 99 -11.84 -28.71 -1.09
N MET D 100 -12.50 -27.79 -1.80
CA MET D 100 -12.27 -26.37 -1.60
C MET D 100 -13.53 -25.55 -1.88
N SER E 1 -38.09 0.03 5.05
CA SER E 1 -38.61 0.82 3.94
C SER E 1 -37.60 1.90 3.52
N PRO E 2 -37.51 2.23 2.22
CA PRO E 2 -36.46 3.15 1.78
C PRO E 2 -36.80 4.61 2.10
N ARG E 3 -35.74 5.44 2.12
CA ARG E 3 -35.92 6.87 2.31
C ARG E 3 -36.61 7.46 1.08
N TRP E 4 -37.52 8.43 1.36
CA TRP E 4 -38.50 9.10 0.49
C TRP E 4 -38.13 10.56 0.17
N TYR E 5 -37.16 11.11 0.87
CA TYR E 5 -36.67 12.43 0.58
C TYR E 5 -35.40 12.30 -0.24
N PHE E 6 -35.22 13.18 -1.23
CA PHE E 6 -34.21 13.04 -2.26
C PHE E 6 -33.28 14.24 -2.29
N TYR E 7 -32.01 13.98 -2.65
CA TYR E 7 -30.96 14.99 -2.69
C TYR E 7 -30.12 14.83 -3.94
N TYR E 8 -29.93 15.92 -4.66
CA TYR E 8 -29.04 15.92 -5.81
C TYR E 8 -27.60 16.11 -5.37
N LEU E 9 -26.69 15.36 -5.98
CA LEU E 9 -25.28 15.47 -5.62
C LEU E 9 -24.64 16.66 -6.33
N SER F 1 15.25 6.93 17.80
CA SER F 1 14.26 5.91 17.50
C SER F 1 13.03 6.51 16.79
N PRO F 2 12.35 5.72 15.97
CA PRO F 2 11.28 6.28 15.13
C PRO F 2 10.08 6.78 15.92
N ARG F 3 9.42 7.76 15.34
CA ARG F 3 8.22 8.35 15.93
C ARG F 3 7.09 7.33 15.92
N TRP F 4 6.13 7.55 16.81
CA TRP F 4 5.16 6.54 17.15
C TRP F 4 3.74 7.00 16.95
N TYR F 5 3.54 8.27 16.60
CA TYR F 5 2.21 8.85 16.45
C TYR F 5 1.93 8.90 14.96
N PHE F 6 0.83 8.30 14.55
CA PHE F 6 0.50 8.10 13.15
C PHE F 6 -0.70 8.92 12.72
N TYR F 7 -0.67 9.35 11.46
CA TYR F 7 -1.83 9.90 10.79
C TYR F 7 -1.87 9.47 9.35
N TYR F 8 -3.03 9.66 8.75
CA TYR F 8 -3.23 9.37 7.34
C TYR F 8 -3.09 10.65 6.53
N LEU F 9 -2.60 10.50 5.31
CA LEU F 9 -2.44 11.65 4.43
C LEU F 9 -3.77 12.06 3.77
CL CL G . 15.26 -6.49 -3.34
CL CL H . 30.74 -2.87 11.28
CL CL I . 37.83 -3.28 4.41
S SO4 J . -27.46 12.68 -20.76
O1 SO4 J . -26.57 13.85 -20.76
O2 SO4 J . -28.54 12.94 -19.78
O3 SO4 J . -26.74 11.46 -20.39
O4 SO4 J . -28.04 12.51 -22.09
S SO4 K . -49.53 -5.13 10.61
O1 SO4 K . -49.22 -3.91 11.35
O2 SO4 K . -49.15 -4.93 9.22
O3 SO4 K . -50.95 -5.42 10.68
O4 SO4 K . -48.78 -6.25 11.18
S SO4 L . -34.80 12.93 -16.14
O1 SO4 L . -35.29 14.02 -16.98
O2 SO4 L . -34.21 13.48 -14.91
O3 SO4 L . -33.78 12.20 -16.88
O4 SO4 L . -35.89 12.04 -15.76
CL CL M . -13.64 11.38 -20.15
NA NA N . -11.66 12.37 -23.13
S SO4 O . -18.00 -27.11 0.44
O1 SO4 O . -17.65 -25.83 1.04
O2 SO4 O . -16.87 -28.02 0.57
O3 SO4 O . -19.17 -27.68 1.15
O4 SO4 O . -18.31 -26.92 -0.98
CL CL P . -31.04 -27.46 0.38
#